data_8Z5H
#
_entry.id   8Z5H
#
loop_
_entity.id
_entity.type
_entity.pdbx_description
1 polymer 'Guanine nucleotide-binding protein G(s) subunit alpha isoforms short'
2 polymer 'Guanine nucleotide-binding protein G(I)/G(S)/G(T) subunit beta-1'
3 polymer 'Guanine nucleotide-binding protein G(I)/G(S)/G(O) subunit gamma-2'
4 polymer 'Ovarian cancer G-protein coupled receptor 1'
#
loop_
_entity_poly.entity_id
_entity_poly.type
_entity_poly.pdbx_seq_one_letter_code
_entity_poly.pdbx_strand_id
1 'polypeptide(L)'
;MMGCTLSAEDKAAVERSKMIEKQLQKDKQVYRATHRLLLLGADNSGKSTIVKQMRIYHVNGYSEEECKQYKAVVYSNTIQ
SIIAIIRAMGRLKIDFGDSARADDARQLFVLAGAAEEGFMTAELAGVIKRLWKDSGVQACFNRSREYQLNDSAAYYLNDL
DRIAQPNYIPTQQDVLRTRVKTSGIFETKFQVDKVNFHMFDVGAQRDERRKWIQCFNDVTAIIFVVDSSDYNRLQEALND
FKSIWNNRWLRTISVILFLNKQDLLAEKVLAGKSKIEDYFPEFARYTTPEDATPEPGEDPRVTRAKYFIRDEFLRISTAS
GDGRHYCYPHFTCSVDTENARRIFNDCRDIIQRMHLRQYELL
;
A
2 'polypeptide(L)'
;MGSLLQSELDQLRQEAEQLKNQIRDARKACADATLSQITNNIDPVGRIQMRTRRTLRGHLAKIYAMHWGTDSRLLVSASQ
DGKLIIWDSYTTNKVHAIPLRSSWVMTCAYAPSGNYVACGGLDNICSIYNLKTREGNVRVSRELAGHTGYLSCCRFLDDN
QIVTSSGDTTCALWDIETGQQTTTFTGHTGDVMSLSLAPDTRLFVSGACDASAKLWDVREGMCRQTFTGHESDINAICFF
PNGNAFATGSDDATCRLFDLRADQELMTYSHDNIICGITSVSFSKSGRLLLAGYDDFNCNVWDALKADRAGVLAGHDNRV
SCLGVTDDGMAVATGSWDSFLKIWN
;
B
3 'polypeptide(L)' MASNNTASIAQARKLVEQLKMEANIDRIKVSKAAADLMAYCEAHAKEDPLLTPVPASENPFREKKFFCAIL G
4 'polypeptide(L)'
;MGNITADNSSMSCTIDHTIHQTLAPVVYVTVLVVGFPANCLSLYFGYLQIKARNELGVYLCNLTVADLFYICSLPFWLQY
VLQHDNWSHGDLSCQVCGILLYENIYISVGFLCCISVDRYLAVAHPFRFHQFRTLKAAVGVSVVIWAKELLTSIYFLMHE
EVIEDENQHRVCFEHYPIQAWQRAINYYRFLVGFLFPICLLLASYQGILRAVRRSHGTQKSRKDQIQRLVLSTVVIFLAC
FLPYHVLLLVRSVWEASCDFAKGVFNAYHFSLLLTSFNCVADPVLYCFVSETTHRDLARLRGACLAFLTCSRTGRAREA
;
R
#
# COMPACT_ATOMS: atom_id res chain seq x y z
N LEU A 6 8.28 -36.05 -12.63
CA LEU A 6 7.79 -35.56 -11.35
C LEU A 6 7.69 -36.68 -10.32
N SER A 7 8.49 -36.59 -9.27
CA SER A 7 8.49 -37.60 -8.23
C SER A 7 7.23 -37.47 -7.36
N ALA A 8 7.03 -38.49 -6.51
CA ALA A 8 5.89 -38.46 -5.60
C ALA A 8 5.99 -37.31 -4.61
N GLU A 9 7.22 -37.02 -4.14
CA GLU A 9 7.41 -35.92 -3.21
C GLU A 9 7.02 -34.59 -3.83
N ASP A 10 7.39 -34.37 -5.10
CA ASP A 10 7.01 -33.15 -5.79
C ASP A 10 5.50 -33.02 -5.92
N LYS A 11 4.83 -34.12 -6.27
CA LYS A 11 3.38 -34.09 -6.39
C LYS A 11 2.72 -33.78 -5.05
N ALA A 12 3.21 -34.39 -3.97
CA ALA A 12 2.67 -34.12 -2.65
C ALA A 12 2.88 -32.66 -2.26
N ALA A 13 4.06 -32.12 -2.56
CA ALA A 13 4.33 -30.72 -2.24
C ALA A 13 3.40 -29.80 -3.02
N VAL A 14 3.16 -30.10 -4.30
CA VAL A 14 2.28 -29.27 -5.10
C VAL A 14 0.85 -29.34 -4.57
N GLU A 15 0.40 -30.53 -4.17
CA GLU A 15 -0.94 -30.66 -3.63
C GLU A 15 -1.10 -29.87 -2.34
N ARG A 16 -0.10 -29.95 -1.46
CA ARG A 16 -0.14 -29.17 -0.22
C ARG A 16 -0.17 -27.68 -0.51
N SER A 17 0.62 -27.24 -1.49
CA SER A 17 0.62 -25.83 -1.85
C SER A 17 -0.75 -25.40 -2.37
N LYS A 18 -1.40 -26.24 -3.17
CA LYS A 18 -2.73 -25.90 -3.67
C LYS A 18 -3.75 -25.81 -2.54
N MET A 19 -3.69 -26.74 -1.58
CA MET A 19 -4.61 -26.66 -0.44
C MET A 19 -4.39 -25.38 0.37
N ILE A 20 -3.13 -25.02 0.61
CA ILE A 20 -2.83 -23.80 1.35
C ILE A 20 -3.32 -22.58 0.59
N GLU A 21 -3.14 -22.58 -0.74
CA GLU A 21 -3.60 -21.45 -1.54
C GLU A 21 -5.11 -21.32 -1.51
N LYS A 22 -5.82 -22.45 -1.54
CA LYS A 22 -7.28 -22.40 -1.44
C LYS A 22 -7.71 -21.81 -0.10
N GLN A 23 -7.06 -22.23 1.00
CA GLN A 23 -7.40 -21.67 2.30
C GLN A 23 -7.11 -20.16 2.36
N LEU A 24 -5.99 -19.74 1.78
CA LEU A 24 -5.66 -18.32 1.79
C LEU A 24 -6.66 -17.51 0.96
N GLN A 25 -7.10 -18.06 -0.17
CA GLN A 25 -8.14 -17.38 -0.95
C GLN A 25 -9.44 -17.29 -0.17
N LYS A 26 -9.75 -18.31 0.62
CA LYS A 26 -10.93 -18.23 1.49
C LYS A 26 -10.78 -17.12 2.52
N ASP A 27 -9.59 -16.99 3.09
CA ASP A 27 -9.37 -15.98 4.13
C ASP A 27 -9.32 -14.55 3.57
N LYS A 28 -8.95 -14.38 2.31
CA LYS A 28 -8.84 -13.04 1.72
C LYS A 28 -10.19 -12.33 1.71
N GLN A 29 -11.26 -13.07 1.36
CA GLN A 29 -12.58 -12.46 1.32
C GLN A 29 -13.04 -12.01 2.70
N VAL A 30 -12.77 -12.80 3.73
CA VAL A 30 -13.11 -12.39 5.09
C VAL A 30 -12.29 -11.18 5.49
N TYR A 31 -11.01 -11.15 5.14
CA TYR A 31 -10.17 -10.01 5.49
C TYR A 31 -10.67 -8.73 4.84
N ARG A 32 -11.05 -8.80 3.57
CA ARG A 32 -11.54 -7.61 2.87
C ARG A 32 -13.06 -7.48 3.02
N ALA A 33 -13.52 -7.63 4.25
CA ALA A 33 -14.88 -7.30 4.62
C ALA A 33 -14.98 -6.75 6.04
N THR A 34 -13.86 -6.63 6.75
CA THR A 34 -13.82 -6.13 8.11
C THR A 34 -12.94 -4.90 8.15
N HIS A 35 -13.42 -3.85 8.80
CA HIS A 35 -12.73 -2.57 8.83
C HIS A 35 -12.10 -2.35 10.19
N ARG A 36 -10.83 -1.97 10.20
CA ARG A 36 -10.05 -1.84 11.41
C ARG A 36 -10.04 -0.39 11.87
N LEU A 37 -10.34 -0.18 13.16
CA LEU A 37 -10.39 1.15 13.75
C LEU A 37 -9.43 1.19 14.92
N LEU A 38 -8.77 2.33 15.11
CA LEU A 38 -7.80 2.47 16.18
C LEU A 38 -8.29 3.52 17.18
N LEU A 39 -8.43 3.13 18.43
CA LEU A 39 -9.00 3.99 19.46
C LEU A 39 -7.90 4.63 20.31
N LEU A 40 -7.93 5.96 20.42
CA LEU A 40 -7.00 6.70 21.26
C LEU A 40 -7.76 7.67 22.14
N GLY A 41 -7.17 7.95 23.30
CA GLY A 41 -7.73 8.89 24.24
C GLY A 41 -6.77 9.20 25.37
N ALA A 42 -7.32 9.34 26.58
CA ALA A 42 -6.51 9.62 27.76
C ALA A 42 -7.15 8.94 28.96
N ASP A 43 -6.42 8.90 30.06
CA ASP A 43 -6.93 8.25 31.27
C ASP A 43 -8.19 8.93 31.78
N ASN A 44 -8.21 10.27 31.74
CA ASN A 44 -9.39 11.01 32.19
C ASN A 44 -10.55 10.94 31.22
N SER A 45 -10.35 10.39 30.03
CA SER A 45 -11.41 10.29 29.03
C SER A 45 -12.37 9.16 29.41
N GLY A 46 -13.28 8.82 28.52
CA GLY A 46 -14.23 7.77 28.79
C GLY A 46 -14.22 6.66 27.76
N LYS A 47 -13.04 6.31 27.25
CA LYS A 47 -12.96 5.23 26.27
C LYS A 47 -13.31 3.89 26.89
N SER A 48 -13.01 3.71 28.17
CA SER A 48 -13.38 2.47 28.85
C SER A 48 -14.91 2.31 28.90
N THR A 49 -15.62 3.41 29.14
CA THR A 49 -17.08 3.34 29.18
C THR A 49 -17.64 2.93 27.83
N ILE A 50 -17.08 3.45 26.74
CA ILE A 50 -17.56 3.09 25.40
C ILE A 50 -17.27 1.62 25.12
N VAL A 51 -16.03 1.19 25.36
CA VAL A 51 -15.69 -0.19 25.03
C VAL A 51 -16.43 -1.16 25.94
N LYS A 52 -16.90 -0.70 27.09
CA LYS A 52 -17.71 -1.56 27.95
C LYS A 52 -19.17 -1.59 27.49
N GLN A 53 -19.85 -0.46 27.55
CA GLN A 53 -21.27 -0.43 27.17
C GLN A 53 -21.47 -0.05 25.72
N MET A 54 -20.67 -0.64 24.83
CA MET A 54 -21.06 -0.75 23.43
C MET A 54 -20.96 -2.16 22.88
N ARG A 55 -19.96 -2.94 23.28
CA ARG A 55 -19.83 -4.33 22.84
C ARG A 55 -20.79 -5.26 23.57
N ILE A 56 -21.27 -4.90 24.75
CA ILE A 56 -22.24 -5.72 25.46
C ILE A 56 -23.57 -5.73 24.71
N TYR A 57 -23.95 -4.59 24.15
CA TYR A 57 -25.19 -4.48 23.38
C TYR A 57 -25.05 -4.90 21.93
N HIS A 58 -23.84 -5.26 21.50
CA HIS A 58 -23.62 -5.67 20.12
C HIS A 58 -22.69 -6.88 20.06
N VAL A 180 -1.42 -12.25 30.25
CA VAL A 180 -2.73 -11.62 30.28
C VAL A 180 -2.69 -10.37 31.15
N LYS A 181 -1.93 -10.45 32.25
CA LYS A 181 -1.80 -9.29 33.14
C LYS A 181 -1.12 -8.14 32.42
N THR A 182 -0.10 -8.43 31.62
CA THR A 182 0.62 -7.43 30.83
C THR A 182 0.31 -7.71 29.36
N SER A 183 -0.78 -7.11 28.87
CA SER A 183 -1.20 -7.24 27.49
C SER A 183 -1.20 -5.88 26.81
N GLY A 184 -0.95 -5.86 25.52
CA GLY A 184 -0.78 -4.62 24.81
C GLY A 184 -1.98 -4.20 23.97
N ILE A 185 -2.61 -5.15 23.29
CA ILE A 185 -3.70 -4.87 22.37
C ILE A 185 -4.95 -5.57 22.86
N PHE A 186 -6.03 -4.82 23.00
CA PHE A 186 -7.34 -5.37 23.32
C PHE A 186 -8.24 -5.20 22.11
N GLU A 187 -8.89 -6.29 21.70
CA GLU A 187 -9.69 -6.32 20.49
C GLU A 187 -11.17 -6.38 20.83
N THR A 188 -11.95 -5.49 20.23
CA THR A 188 -13.40 -5.47 20.39
C THR A 188 -14.05 -5.66 19.02
N LYS A 189 -14.97 -6.61 18.93
CA LYS A 189 -15.65 -6.92 17.68
C LYS A 189 -17.10 -6.51 17.82
N PHE A 190 -17.59 -5.69 16.89
CA PHE A 190 -19.01 -5.40 16.86
C PHE A 190 -19.48 -5.38 15.41
N GLN A 191 -20.80 -5.34 15.24
CA GLN A 191 -21.42 -5.57 13.95
C GLN A 191 -22.61 -4.64 13.78
N VAL A 192 -22.57 -3.81 12.75
CA VAL A 192 -23.64 -2.86 12.45
C VAL A 192 -24.10 -3.09 11.02
N ASP A 193 -25.40 -3.30 10.86
CA ASP A 193 -26.00 -3.65 9.58
C ASP A 193 -25.23 -4.69 8.85
N LYS A 194 -24.97 -5.79 9.52
CA LYS A 194 -24.25 -6.94 8.98
C LYS A 194 -22.88 -6.56 8.44
N VAL A 195 -22.26 -5.55 9.03
CA VAL A 195 -20.91 -5.12 8.67
C VAL A 195 -20.05 -5.21 9.92
N ASN A 196 -18.90 -5.87 9.79
CA ASN A 196 -18.04 -6.17 10.92
C ASN A 196 -17.02 -5.07 11.15
N PHE A 197 -16.79 -4.74 12.42
CA PHE A 197 -15.80 -3.76 12.81
C PHE A 197 -14.97 -4.30 13.96
N HIS A 198 -13.64 -4.15 13.83
CA HIS A 198 -12.67 -4.52 14.85
C HIS A 198 -12.02 -3.25 15.38
N MET A 199 -12.12 -3.03 16.68
CA MET A 199 -11.46 -1.91 17.35
C MET A 199 -10.31 -2.42 18.18
N PHE A 200 -9.23 -1.64 18.22
CA PHE A 200 -8.01 -2.02 18.92
C PHE A 200 -7.65 -0.94 19.91
N ASP A 201 -7.66 -1.28 21.19
CA ASP A 201 -7.25 -0.38 22.26
C ASP A 201 -5.85 -0.76 22.74
N VAL A 202 -5.02 0.25 22.99
CA VAL A 202 -3.62 0.07 23.33
C VAL A 202 -3.44 0.30 24.82
N GLY A 203 -2.87 -0.68 25.51
CA GLY A 203 -2.63 -0.56 26.93
C GLY A 203 -1.29 -1.14 27.31
N ALA A 204 -0.85 -0.80 28.51
CA ALA A 204 0.40 -1.27 29.11
C ALA A 204 1.63 -0.82 28.34
N GLN A 205 1.52 0.20 27.50
CA GLN A 205 2.66 0.70 26.76
C GLN A 205 3.28 1.92 27.45
N ARG A 206 4.42 2.34 26.97
CA ARG A 206 5.10 3.49 27.55
C ARG A 206 4.51 4.79 27.04
N ASP A 207 5.19 5.89 27.30
CA ASP A 207 4.71 7.20 26.83
C ASP A 207 5.03 7.43 25.37
N GLU A 208 6.15 6.89 24.88
CA GLU A 208 6.55 7.12 23.50
C GLU A 208 5.59 6.44 22.54
N ARG A 209 5.35 7.11 21.41
CA ARG A 209 4.43 6.61 20.40
C ARG A 209 5.01 6.65 18.99
N ARG A 210 6.23 7.16 18.82
CA ARG A 210 6.78 7.38 17.49
C ARG A 210 7.05 6.09 16.74
N LYS A 211 7.00 4.93 17.40
CA LYS A 211 7.40 3.68 16.77
C LYS A 211 6.23 2.76 16.45
N TRP A 212 5.34 2.50 17.40
CA TRP A 212 4.23 1.60 17.12
C TRP A 212 3.07 2.27 16.40
N ILE A 213 3.12 3.59 16.21
CA ILE A 213 2.05 4.27 15.48
C ILE A 213 2.11 3.98 13.99
N GLN A 214 3.26 3.56 13.48
CA GLN A 214 3.41 3.32 12.05
C GLN A 214 2.87 1.97 11.61
N CYS A 215 2.56 1.08 12.55
CA CYS A 215 1.93 -0.18 12.19
C CYS A 215 0.48 0.00 11.76
N PHE A 216 -0.10 1.17 11.99
CA PHE A 216 -1.49 1.47 11.63
C PHE A 216 -1.46 2.45 10.46
N ASN A 217 -1.34 1.93 9.26
CA ASN A 217 -1.34 2.74 8.04
C ASN A 217 -2.50 2.41 7.11
N ASP A 218 -2.99 1.17 7.11
CA ASP A 218 -4.13 0.78 6.30
C ASP A 218 -5.43 0.77 7.09
N VAL A 219 -5.43 1.29 8.31
CA VAL A 219 -6.65 1.31 9.12
C VAL A 219 -7.65 2.27 8.51
N THR A 220 -8.93 2.02 8.77
CA THR A 220 -9.98 2.87 8.20
C THR A 220 -10.05 4.21 8.91
N ALA A 221 -9.97 4.23 10.23
CA ALA A 221 -10.13 5.49 10.95
C ALA A 221 -9.50 5.39 12.34
N ILE A 222 -9.22 6.58 12.89
CA ILE A 222 -8.72 6.73 14.24
C ILE A 222 -9.79 7.45 15.06
N ILE A 223 -10.29 6.79 16.10
CA ILE A 223 -11.32 7.36 16.96
C ILE A 223 -10.62 8.04 18.14
N PHE A 224 -10.66 9.36 18.15
CA PHE A 224 -10.05 10.17 19.21
C PHE A 224 -11.14 10.58 20.19
N VAL A 225 -11.07 10.07 21.42
CA VAL A 225 -12.05 10.38 22.45
C VAL A 225 -11.43 11.43 23.38
N VAL A 226 -12.08 12.59 23.49
CA VAL A 226 -11.58 13.70 24.27
C VAL A 226 -12.64 14.14 25.27
N ASP A 227 -12.22 14.33 26.51
CA ASP A 227 -13.11 14.83 27.54
C ASP A 227 -13.36 16.32 27.36
N SER A 228 -14.62 16.72 27.43
CA SER A 228 -15.02 18.10 27.19
C SER A 228 -15.37 18.84 28.47
N SER A 229 -15.10 18.26 29.64
CA SER A 229 -15.45 18.87 30.91
C SER A 229 -14.26 19.34 31.73
N ASP A 230 -13.09 18.71 31.59
CA ASP A 230 -11.91 19.06 32.36
C ASP A 230 -11.15 20.16 31.62
N TYR A 231 -11.25 21.40 32.12
CA TYR A 231 -10.58 22.51 31.48
C TYR A 231 -9.07 22.46 31.69
N ASN A 232 -8.63 21.80 32.76
CA ASN A 232 -7.20 21.77 33.07
C ASN A 232 -6.41 21.03 31.99
N ARG A 233 -6.97 19.94 31.46
CA ARG A 233 -6.27 19.08 30.52
C ARG A 233 -6.86 19.18 29.11
N LEU A 234 -7.20 20.39 28.68
CA LEU A 234 -7.63 20.60 27.30
C LEU A 234 -6.46 20.93 26.38
N GLN A 235 -5.49 21.72 26.86
CA GLN A 235 -4.34 22.06 26.04
C GLN A 235 -3.51 20.82 25.71
N GLU A 236 -3.35 19.91 26.68
CA GLU A 236 -2.64 18.67 26.40
C GLU A 236 -3.37 17.84 25.36
N ALA A 237 -4.70 17.79 25.43
CA ALA A 237 -5.48 17.06 24.43
C ALA A 237 -5.30 17.68 23.05
N LEU A 238 -5.29 19.02 22.97
CA LEU A 238 -5.08 19.68 21.69
C LEU A 238 -3.70 19.37 21.14
N ASN A 239 -2.67 19.35 22.00
CA ASN A 239 -1.33 19.01 21.55
C ASN A 239 -1.27 17.58 21.03
N ASP A 240 -1.94 16.65 21.72
CA ASP A 240 -1.96 15.27 21.26
C ASP A 240 -2.64 15.14 19.91
N PHE A 241 -3.76 15.84 19.73
CA PHE A 241 -4.44 15.80 18.43
C PHE A 241 -3.57 16.40 17.34
N LYS A 242 -2.85 17.48 17.64
CA LYS A 242 -1.95 18.06 16.66
C LYS A 242 -0.83 17.09 16.30
N SER A 243 -0.29 16.37 17.30
CA SER A 243 0.76 15.39 17.03
C SER A 243 0.25 14.27 16.13
N ILE A 244 -0.96 13.79 16.37
CA ILE A 244 -1.50 12.72 15.54
C ILE A 244 -1.80 13.22 14.14
N TRP A 245 -2.33 14.45 14.02
CA TRP A 245 -2.75 14.97 12.73
C TRP A 245 -1.59 15.14 11.77
N ASN A 246 -0.45 15.65 12.27
CA ASN A 246 0.69 15.97 11.42
C ASN A 246 1.76 14.89 11.44
N ASN A 247 1.39 13.65 11.73
CA ASN A 247 2.34 12.55 11.66
C ASN A 247 2.62 12.18 10.20
N ARG A 248 3.86 11.75 9.95
CA ARG A 248 4.27 11.45 8.57
C ARG A 248 3.56 10.22 8.03
N TRP A 249 3.39 9.20 8.87
CA TRP A 249 2.80 7.93 8.43
C TRP A 249 1.29 7.94 8.46
N LEU A 250 0.67 8.97 9.02
CA LEU A 250 -0.78 9.07 9.13
C LEU A 250 -1.30 10.23 8.29
N ARG A 251 -0.76 10.38 7.08
CA ARG A 251 -1.14 11.45 6.18
C ARG A 251 -2.31 11.09 5.28
N THR A 252 -2.91 9.91 5.45
CA THR A 252 -4.06 9.52 4.66
C THR A 252 -5.13 8.82 5.50
N ILE A 253 -5.10 8.97 6.81
CA ILE A 253 -6.02 8.30 7.72
C ILE A 253 -6.90 9.35 8.40
N SER A 254 -8.20 9.14 8.35
CA SER A 254 -9.17 10.09 8.90
C SER A 254 -9.38 9.86 10.39
N VAL A 255 -9.85 10.90 11.07
CA VAL A 255 -10.03 10.90 12.51
C VAL A 255 -11.49 11.22 12.82
N ILE A 256 -12.12 10.37 13.62
CA ILE A 256 -13.46 10.60 14.14
C ILE A 256 -13.33 11.08 15.58
N LEU A 257 -13.85 12.26 15.86
CA LEU A 257 -13.65 12.93 17.14
C LEU A 257 -14.90 12.76 18.00
N PHE A 258 -14.70 12.35 19.25
CA PHE A 258 -15.78 12.12 20.20
C PHE A 258 -15.59 13.05 21.39
N LEU A 259 -16.40 14.11 21.44
CA LEU A 259 -16.42 15.02 22.59
C LEU A 259 -17.25 14.35 23.68
N ASN A 260 -16.60 13.52 24.49
CA ASN A 260 -17.29 12.67 25.43
C ASN A 260 -17.71 13.44 26.67
N LYS A 261 -18.69 12.87 27.38
CA LYS A 261 -19.19 13.38 28.66
C LYS A 261 -19.67 14.83 28.53
N GLN A 262 -20.69 15.01 27.70
CA GLN A 262 -21.35 16.30 27.57
C GLN A 262 -22.32 16.60 28.71
N ASP A 263 -22.72 15.58 29.47
CA ASP A 263 -23.63 15.80 30.59
C ASP A 263 -22.96 16.61 31.68
N LEU A 264 -21.67 16.37 31.96
CA LEU A 264 -20.94 17.12 32.94
C LEU A 264 -20.65 18.55 32.51
N LEU A 265 -20.46 18.77 31.20
CA LEU A 265 -20.23 20.13 30.71
C LEU A 265 -21.44 21.02 30.98
N ALA A 266 -22.64 20.48 30.75
CA ALA A 266 -23.84 21.25 31.05
C ALA A 266 -23.96 21.52 32.54
N GLU A 267 -23.66 20.51 33.37
CA GLU A 267 -23.76 20.70 34.82
C GLU A 267 -22.80 21.76 35.32
N LYS A 268 -21.56 21.77 34.82
CA LYS A 268 -20.58 22.75 35.26
C LYS A 268 -20.80 24.13 34.65
N VAL A 269 -21.33 24.20 33.42
CA VAL A 269 -21.56 25.49 32.78
C VAL A 269 -22.62 26.28 33.54
N LEU A 270 -23.71 25.62 33.92
CA LEU A 270 -24.79 26.26 34.66
C LEU A 270 -24.42 26.31 36.15
N ALA A 271 -23.34 27.02 36.44
CA ALA A 271 -22.83 27.13 37.79
C ALA A 271 -22.01 28.41 37.89
N GLY A 272 -21.45 28.66 39.07
CA GLY A 272 -20.69 29.86 39.30
C GLY A 272 -19.25 29.61 39.69
N LYS A 273 -18.96 28.44 40.25
CA LYS A 273 -17.60 28.12 40.70
C LYS A 273 -16.74 27.59 39.56
N SER A 274 -16.73 28.32 38.45
CA SER A 274 -15.97 27.97 37.26
C SER A 274 -16.08 29.12 36.27
N LYS A 275 -15.12 29.19 35.37
CA LYS A 275 -15.15 30.18 34.28
C LYS A 275 -14.24 29.69 33.17
N ILE A 276 -14.82 29.32 32.03
CA ILE A 276 -14.00 28.88 30.91
C ILE A 276 -13.19 30.02 30.34
N GLU A 277 -13.60 31.27 30.59
CA GLU A 277 -12.86 32.42 30.11
C GLU A 277 -11.51 32.55 30.78
N ASP A 278 -11.33 31.93 31.95
CA ASP A 278 -10.05 32.05 32.65
C ASP A 278 -8.94 31.31 31.93
N TYR A 279 -9.19 30.06 31.54
CA TYR A 279 -8.13 29.23 30.95
C TYR A 279 -7.82 29.67 29.52
N PHE A 280 -8.86 29.94 28.73
CA PHE A 280 -8.69 30.46 27.39
C PHE A 280 -9.12 31.92 27.34
N PRO A 281 -8.20 32.84 27.09
CA PRO A 281 -8.57 34.27 27.06
C PRO A 281 -9.29 34.69 25.80
N GLU A 282 -9.38 33.83 24.79
CA GLU A 282 -10.04 34.17 23.54
C GLU A 282 -11.52 33.87 23.54
N PHE A 283 -12.07 33.38 24.65
CA PHE A 283 -13.49 33.02 24.66
C PHE A 283 -14.40 34.23 24.51
N ALA A 284 -14.07 35.34 25.17
CA ALA A 284 -14.95 36.49 25.12
C ALA A 284 -14.74 37.29 23.85
N ARG A 285 -14.67 36.59 22.73
CA ARG A 285 -14.74 37.18 21.40
C ARG A 285 -15.49 36.27 20.44
N TYR A 286 -16.10 35.21 20.92
CA TYR A 286 -16.65 34.14 20.10
C TYR A 286 -18.17 34.24 20.08
N THR A 287 -18.75 34.18 18.88
CA THR A 287 -20.18 34.12 18.70
C THR A 287 -20.54 32.76 18.12
N THR A 288 -21.67 32.22 18.55
CA THR A 288 -22.05 30.88 18.14
C THR A 288 -22.23 30.83 16.62
N PRO A 289 -21.76 29.76 15.97
CA PRO A 289 -21.91 29.67 14.51
C PRO A 289 -23.37 29.56 14.11
N GLU A 290 -23.68 30.06 12.92
CA GLU A 290 -25.06 30.02 12.43
C GLU A 290 -25.54 28.59 12.24
N ASP A 291 -24.70 27.73 11.70
CA ASP A 291 -25.07 26.33 11.46
C ASP A 291 -24.96 25.57 12.77
N ALA A 292 -26.07 25.49 13.50
CA ALA A 292 -26.12 24.76 14.76
C ALA A 292 -27.50 24.16 14.91
N THR A 293 -27.56 23.06 15.66
CA THR A 293 -28.82 22.34 15.89
C THR A 293 -29.01 22.08 17.38
N PRO A 294 -29.24 23.13 18.16
CA PRO A 294 -29.43 22.94 19.61
C PRO A 294 -30.70 22.17 19.91
N GLU A 295 -30.57 21.10 20.68
CA GLU A 295 -31.73 20.33 21.07
C GLU A 295 -32.62 21.16 22.00
N PRO A 296 -33.94 20.96 21.92
CA PRO A 296 -34.83 21.73 22.79
C PRO A 296 -34.55 21.47 24.26
N GLY A 297 -34.72 22.51 25.07
CA GLY A 297 -34.44 22.42 26.49
C GLY A 297 -33.01 22.72 26.88
N GLU A 298 -32.24 23.37 26.02
CA GLU A 298 -30.85 23.70 26.30
C GLU A 298 -30.70 25.21 26.39
N ASP A 299 -30.05 25.68 27.45
CA ASP A 299 -29.86 27.11 27.64
C ASP A 299 -28.90 27.66 26.58
N PRO A 300 -28.99 28.95 26.27
CA PRO A 300 -28.03 29.53 25.31
C PRO A 300 -26.59 29.45 25.79
N ARG A 301 -26.38 29.47 27.11
CA ARG A 301 -25.02 29.44 27.63
C ARG A 301 -24.31 28.13 27.29
N VAL A 302 -25.00 26.99 27.45
CA VAL A 302 -24.38 25.70 27.18
C VAL A 302 -24.20 25.46 25.69
N THR A 303 -24.90 26.21 24.84
CA THR A 303 -24.70 26.14 23.40
C THR A 303 -23.45 26.88 22.94
N ARG A 304 -23.02 27.90 23.68
CA ARG A 304 -21.85 28.69 23.32
C ARG A 304 -20.54 28.07 23.79
N ALA A 305 -20.47 27.62 25.04
CA ALA A 305 -19.27 27.01 25.60
C ALA A 305 -19.08 25.58 25.13
N LYS A 306 -19.84 25.15 24.13
CA LYS A 306 -19.75 23.80 23.59
C LYS A 306 -19.24 23.76 22.16
N TYR A 307 -19.50 24.79 21.35
CA TYR A 307 -18.97 24.87 20.00
C TYR A 307 -17.58 25.50 19.95
N PHE A 308 -17.13 26.12 21.04
CA PHE A 308 -15.77 26.66 21.10
C PHE A 308 -14.73 25.57 21.04
N ILE A 309 -14.97 24.46 21.74
CA ILE A 309 -14.02 23.36 21.75
C ILE A 309 -13.94 22.72 20.37
N ARG A 310 -15.09 22.50 19.74
CA ARG A 310 -15.09 21.97 18.38
C ARG A 310 -14.41 22.95 17.43
N ASP A 311 -14.58 24.24 17.67
CA ASP A 311 -13.91 25.24 16.85
C ASP A 311 -12.39 25.13 16.98
N GLU A 312 -11.89 24.94 18.20
CA GLU A 312 -10.44 24.80 18.38
C GLU A 312 -9.93 23.56 17.68
N PHE A 313 -10.61 22.42 17.86
CA PHE A 313 -10.15 21.18 17.26
C PHE A 313 -10.19 21.27 15.73
N LEU A 314 -11.26 21.83 15.17
CA LEU A 314 -11.37 21.94 13.72
C LEU A 314 -10.41 22.98 13.15
N ARG A 315 -10.07 24.00 13.93
CA ARG A 315 -9.06 24.96 13.48
C ARG A 315 -7.69 24.29 13.41
N ILE A 316 -7.39 23.41 14.38
CA ILE A 316 -6.16 22.63 14.29
C ILE A 316 -6.21 21.72 13.07
N SER A 317 -7.38 21.15 12.79
CA SER A 317 -7.52 20.24 11.66
C SER A 317 -7.31 20.94 10.32
N THR A 318 -7.89 22.15 10.16
CA THR A 318 -7.88 22.80 8.85
C THR A 318 -6.62 23.61 8.60
N ALA A 319 -5.71 23.68 9.58
CA ALA A 319 -4.47 24.40 9.36
C ALA A 319 -3.62 23.78 8.27
N SER A 320 -3.69 22.46 8.11
CA SER A 320 -2.90 21.76 7.12
C SER A 320 -3.64 20.48 6.72
N GLY A 321 -2.96 19.62 5.96
CA GLY A 321 -3.50 18.36 5.53
C GLY A 321 -4.10 18.37 4.14
N ASP A 322 -4.32 19.55 3.57
CA ASP A 322 -4.90 19.70 2.22
C ASP A 322 -6.26 19.01 2.22
N GLY A 323 -6.54 18.11 1.29
CA GLY A 323 -7.81 17.43 1.25
C GLY A 323 -7.68 15.92 1.26
N ARG A 324 -6.50 15.43 1.66
CA ARG A 324 -6.28 13.99 1.70
C ARG A 324 -7.11 13.32 2.80
N HIS A 325 -7.23 13.98 3.96
CA HIS A 325 -7.94 13.41 5.09
C HIS A 325 -8.74 14.50 5.80
N TYR A 326 -9.80 14.07 6.49
CA TYR A 326 -10.77 14.96 7.11
C TYR A 326 -11.02 14.51 8.54
N CYS A 327 -11.62 15.41 9.32
CA CYS A 327 -11.97 15.14 10.72
C CYS A 327 -13.48 15.27 10.89
N TYR A 328 -14.09 14.26 11.53
CA TYR A 328 -15.53 14.23 11.76
C TYR A 328 -15.82 14.49 13.23
N PRO A 329 -16.50 15.58 13.57
CA PRO A 329 -16.85 15.83 14.98
C PRO A 329 -18.22 15.29 15.35
N HIS A 330 -18.34 14.92 16.63
CA HIS A 330 -19.59 14.42 17.18
C HIS A 330 -19.66 14.81 18.65
N PHE A 331 -20.88 14.80 19.19
CA PHE A 331 -21.12 15.01 20.60
C PHE A 331 -21.71 13.74 21.20
N THR A 332 -21.13 13.27 22.29
CA THR A 332 -21.45 11.96 22.83
C THR A 332 -21.49 12.00 24.34
N CYS A 333 -22.46 11.32 24.93
CA CYS A 333 -22.56 11.15 26.38
C CYS A 333 -22.06 9.78 26.79
N SER A 334 -21.88 9.61 28.11
CA SER A 334 -21.36 8.34 28.63
C SER A 334 -22.32 7.20 28.35
N VAL A 335 -23.58 7.36 28.72
CA VAL A 335 -24.60 6.33 28.52
C VAL A 335 -25.47 6.75 27.35
N ASP A 336 -25.34 6.02 26.24
CA ASP A 336 -26.11 6.25 25.03
C ASP A 336 -25.82 5.11 24.07
N THR A 337 -26.79 4.78 23.22
CA THR A 337 -26.60 3.78 22.17
C THR A 337 -26.85 4.47 20.83
N GLU A 338 -25.85 5.22 20.38
CA GLU A 338 -25.83 5.75 19.03
C GLU A 338 -24.44 5.71 18.40
N ASN A 339 -23.39 5.43 19.18
CA ASN A 339 -22.03 5.59 18.69
C ASN A 339 -21.70 4.60 17.58
N ALA A 340 -22.27 3.39 17.64
CA ALA A 340 -22.07 2.44 16.56
C ALA A 340 -22.60 2.99 15.23
N ARG A 341 -23.77 3.63 15.28
CA ARG A 341 -24.33 4.24 14.08
C ARG A 341 -23.43 5.35 13.55
N ARG A 342 -22.90 6.18 14.45
CA ARG A 342 -22.03 7.28 14.01
C ARG A 342 -20.76 6.74 13.36
N ILE A 343 -20.15 5.71 13.97
CA ILE A 343 -18.96 5.11 13.40
C ILE A 343 -19.26 4.49 12.04
N PHE A 344 -20.41 3.83 11.92
CA PHE A 344 -20.81 3.25 10.64
C PHE A 344 -20.93 4.32 9.57
N ASN A 345 -21.59 5.43 9.90
CA ASN A 345 -21.78 6.49 8.91
C ASN A 345 -20.43 7.09 8.49
N ASP A 346 -19.56 7.37 9.46
CA ASP A 346 -18.27 7.96 9.13
C ASP A 346 -17.42 7.02 8.29
N CYS A 347 -17.41 5.73 8.63
CA CYS A 347 -16.64 4.77 7.84
C CYS A 347 -17.19 4.64 6.44
N ARG A 348 -18.51 4.68 6.29
CA ARG A 348 -19.12 4.63 4.96
C ARG A 348 -18.68 5.82 4.12
N ASP A 349 -18.65 7.01 4.74
CA ASP A 349 -18.18 8.20 4.02
C ASP A 349 -16.71 8.06 3.62
N ILE A 350 -15.88 7.52 4.51
CA ILE A 350 -14.46 7.38 4.22
C ILE A 350 -14.25 6.43 3.05
N ILE A 351 -14.96 5.31 3.06
CA ILE A 351 -14.84 4.35 1.96
C ILE A 351 -15.36 4.96 0.66
N GLN A 352 -16.43 5.77 0.74
CA GLN A 352 -16.93 6.45 -0.44
C GLN A 352 -15.86 7.35 -1.05
N ARG A 353 -15.18 8.14 -0.22
CA ARG A 353 -14.16 9.04 -0.73
C ARG A 353 -12.99 8.26 -1.34
N MET A 354 -12.58 7.17 -0.68
CA MET A 354 -11.52 6.34 -1.23
C MET A 354 -11.92 5.76 -2.58
N HIS A 355 -13.17 5.33 -2.72
CA HIS A 355 -13.62 4.76 -3.98
C HIS A 355 -13.72 5.81 -5.07
N LEU A 356 -14.12 7.04 -4.72
CA LEU A 356 -14.08 8.12 -5.70
C LEU A 356 -12.66 8.35 -6.19
N ARG A 357 -11.68 8.34 -5.29
CA ARG A 357 -10.30 8.51 -5.72
C ARG A 357 -9.84 7.34 -6.59
N GLN A 358 -10.24 6.11 -6.24
CA GLN A 358 -9.74 4.93 -6.93
C GLN A 358 -10.36 4.74 -8.31
N TYR A 359 -11.66 4.99 -8.45
CA TYR A 359 -12.39 4.66 -9.65
C TYR A 359 -12.38 5.79 -10.68
N GLU A 360 -11.38 6.63 -10.65
CA GLU A 360 -11.19 7.69 -11.59
C GLU A 360 -12.23 8.71 -11.78
N LEU A 361 -12.73 9.25 -10.71
CA LEU A 361 -13.70 10.33 -10.74
C LEU A 361 -13.11 11.67 -10.33
N LEU A 362 -12.22 11.70 -9.35
CA LEU A 362 -11.54 12.93 -8.98
C LEU A 362 -10.02 12.73 -9.00
N GLU B 8 27.36 13.55 47.58
CA GLU B 8 26.85 14.81 47.05
C GLU B 8 26.50 14.68 45.58
N LEU B 9 25.33 15.22 45.21
CA LEU B 9 24.89 15.16 43.82
C LEU B 9 25.85 15.91 42.90
N ASP B 10 26.28 17.10 43.32
CA ASP B 10 27.20 17.89 42.51
C ASP B 10 28.54 17.17 42.36
N GLN B 11 29.04 16.60 43.45
CA GLN B 11 30.31 15.87 43.38
C GLN B 11 30.20 14.66 42.46
N LEU B 12 29.09 13.92 42.56
CA LEU B 12 28.90 12.77 41.69
C LEU B 12 28.80 13.18 40.23
N ARG B 13 28.07 14.26 39.95
CA ARG B 13 27.97 14.74 38.57
C ARG B 13 29.32 15.17 38.02
N GLN B 14 30.11 15.88 38.84
CA GLN B 14 31.43 16.30 38.40
C GLN B 14 32.33 15.09 38.14
N GLU B 15 32.27 14.09 39.03
CA GLU B 15 33.08 12.90 38.85
C GLU B 15 32.69 12.16 37.58
N ALA B 16 31.38 12.05 37.32
CA ALA B 16 30.93 11.37 36.11
C ALA B 16 31.37 12.12 34.86
N GLU B 17 31.26 13.45 34.87
CA GLU B 17 31.69 14.24 33.72
C GLU B 17 33.20 14.09 33.49
N GLN B 18 33.97 14.13 34.57
CA GLN B 18 35.42 13.97 34.44
C GLN B 18 35.78 12.59 33.91
N LEU B 19 35.09 11.55 34.38
CA LEU B 19 35.38 10.20 33.91
C LEU B 19 34.99 10.03 32.45
N LYS B 20 33.89 10.65 32.03
CA LYS B 20 33.51 10.62 30.62
C LYS B 20 34.55 11.33 29.76
N ASN B 21 35.05 12.48 30.23
CA ASN B 21 36.11 13.17 29.50
C ASN B 21 37.36 12.30 29.42
N GLN B 22 37.69 11.62 30.51
CA GLN B 22 38.87 10.76 30.52
C GLN B 22 38.72 9.61 29.52
N ILE B 23 37.54 8.98 29.49
CA ILE B 23 37.34 7.86 28.57
C ILE B 23 37.31 8.34 27.13
N ARG B 24 36.86 9.57 26.90
CA ARG B 24 36.90 10.12 25.54
C ARG B 24 38.33 10.46 25.14
N ASP B 25 39.16 10.85 26.10
CA ASP B 25 40.54 11.20 25.80
C ASP B 25 41.31 10.00 25.25
N ALA B 26 41.11 8.82 25.85
CA ALA B 26 41.78 7.63 25.35
C ALA B 26 41.36 7.29 23.93
N ARG B 27 40.05 7.41 23.63
CA ARG B 27 39.59 7.20 22.27
C ARG B 27 40.22 8.18 21.30
N LYS B 28 40.30 9.45 21.69
CA LYS B 28 40.90 10.45 20.81
C LYS B 28 42.38 10.17 20.60
N ALA B 29 43.06 9.64 21.62
CA ALA B 29 44.50 9.40 21.51
C ALA B 29 44.78 8.18 20.64
N CYS B 30 43.99 7.11 20.80
CA CYS B 30 44.28 5.88 20.09
C CYS B 30 44.03 5.96 18.58
N ALA B 31 43.31 6.96 18.11
CA ALA B 31 43.03 7.09 16.68
C ALA B 31 44.33 7.30 15.92
N ASP B 32 44.50 6.53 14.84
CA ASP B 32 45.74 6.58 14.07
C ASP B 32 45.55 7.09 12.65
N ALA B 33 44.69 6.46 11.86
CA ALA B 33 44.56 6.81 10.45
C ALA B 33 43.21 6.36 9.93
N THR B 34 42.68 7.13 8.97
CA THR B 34 41.42 6.78 8.35
C THR B 34 41.56 5.51 7.52
N LEU B 35 40.45 4.76 7.43
CA LEU B 35 40.47 3.52 6.65
C LEU B 35 40.69 3.80 5.17
N SER B 36 40.27 4.97 4.70
CA SER B 36 40.42 5.31 3.29
C SER B 36 41.88 5.42 2.88
N GLN B 37 42.79 5.71 3.81
CA GLN B 37 44.20 5.79 3.49
C GLN B 37 44.82 4.42 3.28
N ILE B 38 44.42 3.42 4.07
CA ILE B 38 45.01 2.09 3.94
C ILE B 38 44.29 1.29 2.86
N THR B 39 43.05 1.66 2.52
CA THR B 39 42.26 0.89 1.57
C THR B 39 42.43 1.36 0.13
N ASN B 40 43.18 2.43 -0.11
CA ASN B 40 43.29 2.99 -1.46
C ASN B 40 44.24 2.19 -2.35
N ASN B 41 44.64 1.00 -1.91
CA ASN B 41 45.54 0.14 -2.67
C ASN B 41 44.86 -1.16 -3.10
N ILE B 42 43.53 -1.16 -3.14
CA ILE B 42 42.76 -2.35 -3.49
C ILE B 42 41.82 -1.99 -4.63
N ASP B 43 41.76 -2.84 -5.64
CA ASP B 43 40.95 -2.56 -6.81
C ASP B 43 39.47 -2.50 -6.43
N PRO B 44 38.67 -1.67 -7.10
CA PRO B 44 37.25 -1.58 -6.76
C PRO B 44 36.51 -2.88 -7.08
N VAL B 45 35.32 -3.00 -6.47
CA VAL B 45 34.53 -4.21 -6.63
C VAL B 45 34.07 -4.41 -8.05
N GLY B 46 33.98 -3.35 -8.85
CA GLY B 46 33.38 -3.43 -10.16
C GLY B 46 31.88 -3.22 -10.09
N ARG B 47 31.31 -2.88 -11.24
CA ARG B 47 29.88 -2.64 -11.31
C ARG B 47 29.13 -3.95 -11.11
N ILE B 48 28.29 -4.01 -10.08
CA ILE B 48 27.52 -5.20 -9.74
C ILE B 48 26.08 -4.97 -10.19
N GLN B 49 25.58 -5.88 -11.02
CA GLN B 49 24.23 -5.80 -11.56
C GLN B 49 23.55 -7.14 -11.29
N MET B 50 22.63 -7.15 -10.33
CA MET B 50 21.87 -8.33 -9.97
C MET B 50 20.42 -8.14 -10.39
N ARG B 51 19.78 -9.23 -10.80
CA ARG B 51 18.43 -9.16 -11.35
C ARG B 51 17.53 -10.14 -10.61
N THR B 52 16.22 -9.89 -10.72
CA THR B 52 15.24 -10.78 -10.13
C THR B 52 15.31 -12.16 -10.77
N ARG B 53 15.09 -13.18 -9.98
CA ARG B 53 15.07 -14.55 -10.48
C ARG B 53 13.78 -15.28 -10.13
N ARG B 54 13.21 -15.02 -8.96
CA ARG B 54 11.94 -15.60 -8.56
C ARG B 54 11.04 -14.48 -8.07
N THR B 55 9.75 -14.79 -7.96
CA THR B 55 8.78 -13.91 -7.34
C THR B 55 7.79 -14.74 -6.54
N LEU B 56 7.47 -14.28 -5.34
CA LEU B 56 6.64 -15.03 -4.42
C LEU B 56 5.40 -14.19 -4.11
N ARG B 57 4.23 -14.74 -4.43
CA ARG B 57 2.96 -14.07 -4.21
C ARG B 57 2.08 -14.92 -3.33
N GLY B 58 1.15 -14.26 -2.63
CA GLY B 58 0.23 -14.96 -1.78
C GLY B 58 -0.13 -14.23 -0.51
N HIS B 59 0.72 -13.29 -0.10
CA HIS B 59 0.43 -12.52 1.10
C HIS B 59 -0.73 -11.56 0.83
N LEU B 60 -1.35 -11.10 1.92
CA LEU B 60 -2.53 -10.26 1.84
C LEU B 60 -2.23 -8.79 2.07
N ALA B 61 -1.26 -8.47 2.91
CA ALA B 61 -0.98 -7.10 3.30
C ALA B 61 0.53 -6.95 3.44
N LYS B 62 0.95 -5.86 4.09
CA LYS B 62 2.37 -5.58 4.26
C LYS B 62 3.08 -6.73 4.98
N ILE B 63 4.39 -6.79 4.79
CA ILE B 63 5.24 -7.79 5.42
C ILE B 63 6.33 -7.06 6.20
N TYR B 64 6.62 -7.54 7.40
CA TYR B 64 7.56 -6.87 8.29
C TYR B 64 8.74 -7.73 8.71
N ALA B 65 8.84 -8.97 8.24
CA ALA B 65 9.91 -9.84 8.69
C ALA B 65 10.19 -10.91 7.66
N MET B 66 11.39 -11.51 7.77
CA MET B 66 11.85 -12.58 6.91
C MET B 66 13.13 -13.18 7.48
N HIS B 67 13.24 -14.51 7.48
CA HIS B 67 14.42 -15.17 8.01
C HIS B 67 14.68 -16.46 7.26
N TRP B 68 15.89 -16.59 6.73
CA TRP B 68 16.33 -17.82 6.08
C TRP B 68 16.66 -18.88 7.12
N GLY B 69 16.49 -20.13 6.73
CA GLY B 69 16.83 -21.25 7.59
C GLY B 69 18.32 -21.56 7.52
N THR B 70 18.67 -22.72 8.09
CA THR B 70 20.05 -23.18 8.04
C THR B 70 20.32 -24.13 6.89
N ASP B 71 19.29 -24.57 6.16
CA ASP B 71 19.47 -25.42 4.99
C ASP B 71 19.51 -24.64 3.68
N SER B 72 19.38 -23.31 3.75
CA SER B 72 19.49 -22.42 2.60
C SER B 72 18.45 -22.70 1.53
N ARG B 73 17.33 -23.33 1.87
CA ARG B 73 16.32 -23.58 0.86
C ARG B 73 14.92 -23.23 1.35
N LEU B 74 14.71 -23.24 2.67
CA LEU B 74 13.42 -22.91 3.25
C LEU B 74 13.42 -21.47 3.75
N LEU B 75 12.21 -20.95 3.96
CA LEU B 75 12.04 -19.53 4.27
C LEU B 75 10.78 -19.34 5.10
N VAL B 76 10.75 -18.27 5.89
CA VAL B 76 9.61 -17.93 6.73
C VAL B 76 9.35 -16.43 6.63
N SER B 77 8.08 -16.04 6.63
CA SER B 77 7.71 -14.64 6.48
C SER B 77 6.53 -14.32 7.39
N ALA B 78 6.34 -13.02 7.66
CA ALA B 78 5.25 -12.52 8.50
C ALA B 78 4.52 -11.43 7.76
N SER B 79 3.24 -11.26 8.10
CA SER B 79 2.42 -10.25 7.46
C SER B 79 1.38 -9.72 8.44
N GLN B 80 0.84 -8.55 8.11
CA GLN B 80 -0.12 -7.89 8.99
C GLN B 80 -1.43 -8.65 9.10
N ASP B 81 -1.73 -9.53 8.13
CA ASP B 81 -2.97 -10.29 8.18
C ASP B 81 -2.97 -11.35 9.27
N GLY B 82 -1.80 -11.65 9.83
CA GLY B 82 -1.70 -12.67 10.86
C GLY B 82 -1.43 -14.05 10.31
N LYS B 83 -0.40 -14.18 9.49
CA LYS B 83 -0.11 -15.45 8.83
C LYS B 83 1.39 -15.60 8.63
N LEU B 84 1.90 -16.77 9.02
CA LEU B 84 3.25 -17.20 8.71
C LEU B 84 3.20 -18.24 7.61
N ILE B 85 3.93 -18.00 6.53
CA ILE B 85 3.99 -18.90 5.38
C ILE B 85 5.42 -19.41 5.27
N ILE B 86 5.57 -20.72 5.15
CA ILE B 86 6.88 -21.35 4.98
C ILE B 86 7.01 -21.74 3.52
N TRP B 87 7.94 -21.10 2.82
CA TRP B 87 8.12 -21.28 1.39
C TRP B 87 9.19 -22.31 1.10
N ASP B 88 9.28 -22.70 -0.16
CA ASP B 88 10.38 -23.49 -0.70
C ASP B 88 10.90 -22.74 -1.92
N SER B 89 12.05 -22.08 -1.77
CA SER B 89 12.46 -21.07 -2.74
C SER B 89 12.71 -21.65 -4.12
N TYR B 90 13.18 -22.90 -4.21
CA TYR B 90 13.52 -23.46 -5.50
C TYR B 90 12.29 -23.63 -6.39
N THR B 91 11.24 -24.28 -5.86
CA THR B 91 10.05 -24.58 -6.65
C THR B 91 8.90 -23.63 -6.37
N THR B 92 9.08 -22.66 -5.47
CA THR B 92 8.08 -21.67 -5.13
C THR B 92 6.76 -22.28 -4.64
N ASN B 93 6.80 -23.51 -4.12
CA ASN B 93 5.60 -24.07 -3.53
C ASN B 93 5.36 -23.47 -2.14
N LYS B 94 4.33 -23.97 -1.47
CA LYS B 94 4.02 -23.58 -0.11
C LYS B 94 3.94 -24.82 0.76
N VAL B 95 4.62 -24.79 1.90
CA VAL B 95 4.83 -25.98 2.72
C VAL B 95 3.94 -25.96 3.96
N HIS B 96 3.57 -24.77 4.43
CA HIS B 96 2.78 -24.64 5.64
C HIS B 96 2.06 -23.30 5.62
N ALA B 97 1.08 -23.17 6.52
CA ALA B 97 0.35 -21.92 6.69
C ALA B 97 -0.15 -21.90 8.12
N ILE B 98 0.38 -20.97 8.92
CA ILE B 98 0.16 -20.94 10.36
C ILE B 98 -0.68 -19.70 10.69
N PRO B 99 -1.88 -19.85 11.22
CA PRO B 99 -2.65 -18.68 11.67
C PRO B 99 -2.22 -18.23 13.06
N LEU B 100 -2.31 -16.93 13.27
CA LEU B 100 -1.84 -16.30 14.50
C LEU B 100 -3.01 -15.83 15.35
N ARG B 101 -2.78 -15.81 16.66
CA ARG B 101 -3.80 -15.29 17.57
C ARG B 101 -3.85 -13.77 17.52
N SER B 102 -2.70 -13.10 17.50
CA SER B 102 -2.62 -11.65 17.44
C SER B 102 -2.24 -11.22 16.03
N SER B 103 -2.99 -10.27 15.48
CA SER B 103 -2.81 -9.90 14.08
C SER B 103 -1.50 -9.16 13.86
N TRP B 104 -1.13 -8.27 14.77
CA TRP B 104 0.02 -7.38 14.56
C TRP B 104 1.29 -8.12 14.98
N VAL B 105 2.13 -8.45 14.00
CA VAL B 105 3.39 -9.14 14.22
C VAL B 105 4.50 -8.31 13.59
N MET B 106 5.64 -8.22 14.28
CA MET B 106 6.76 -7.43 13.76
C MET B 106 8.09 -8.12 14.00
N THR B 107 8.11 -9.45 14.00
CA THR B 107 9.36 -10.20 14.09
C THR B 107 9.09 -11.67 13.80
N CYS B 108 10.14 -12.36 13.36
CA CYS B 108 10.12 -13.80 13.15
C CYS B 108 11.52 -14.36 13.33
N ALA B 109 11.59 -15.67 13.54
CA ALA B 109 12.86 -16.37 13.70
C ALA B 109 12.69 -17.80 13.24
N TYR B 110 13.81 -18.44 12.88
CA TYR B 110 13.82 -19.82 12.42
C TYR B 110 14.88 -20.57 13.21
N ALA B 111 14.47 -21.63 13.89
CA ALA B 111 15.39 -22.35 14.75
C ALA B 111 16.50 -22.98 13.93
N PRO B 112 17.73 -23.02 14.46
CA PRO B 112 18.84 -23.60 13.70
C PRO B 112 18.63 -25.06 13.33
N SER B 113 18.01 -25.85 14.21
CA SER B 113 17.80 -27.26 13.92
C SER B 113 16.84 -27.45 12.75
N GLY B 114 15.81 -26.64 12.65
CA GLY B 114 14.76 -26.85 11.69
C GLY B 114 13.47 -27.39 12.24
N ASN B 115 13.16 -27.10 13.51
CA ASN B 115 11.97 -27.62 14.16
C ASN B 115 10.99 -26.55 14.59
N TYR B 116 11.45 -25.34 14.88
CA TYR B 116 10.64 -24.33 15.54
C TYR B 116 10.62 -23.03 14.75
N VAL B 117 9.54 -22.28 14.92
CA VAL B 117 9.42 -20.93 14.39
C VAL B 117 8.81 -20.04 15.48
N ALA B 118 9.34 -18.83 15.61
CA ALA B 118 8.92 -17.91 16.66
C ALA B 118 8.41 -16.61 16.07
N CYS B 119 7.40 -16.04 16.72
CA CYS B 119 6.79 -14.80 16.26
C CYS B 119 6.32 -14.00 17.46
N GLY B 120 6.21 -12.69 17.27
CA GLY B 120 5.79 -11.79 18.33
C GLY B 120 5.59 -10.40 17.80
N GLY B 121 4.92 -9.58 18.61
CA GLY B 121 4.61 -8.23 18.19
C GLY B 121 4.05 -7.33 19.27
N LEU B 122 3.01 -6.57 18.94
CA LEU B 122 2.39 -5.66 19.89
C LEU B 122 1.64 -6.38 21.01
N ASP B 123 1.50 -7.69 20.93
CA ASP B 123 0.77 -8.45 21.94
C ASP B 123 1.61 -8.80 23.15
N ASN B 124 2.86 -8.37 23.19
CA ASN B 124 3.73 -8.59 24.36
C ASN B 124 4.01 -10.06 24.66
N ILE B 125 3.88 -10.92 23.65
CA ILE B 125 4.10 -12.35 23.84
C ILE B 125 5.03 -12.86 22.75
N CYS B 126 5.97 -13.73 23.13
CA CYS B 126 6.87 -14.38 22.18
C CYS B 126 6.42 -15.83 22.05
N SER B 127 5.70 -16.14 20.98
CA SER B 127 5.17 -17.48 20.76
C SER B 127 6.21 -18.38 20.10
N ILE B 128 6.14 -19.66 20.43
CA ILE B 128 7.01 -20.68 19.86
C ILE B 128 6.14 -21.79 19.27
N TYR B 129 6.47 -22.22 18.06
CA TYR B 129 5.66 -23.20 17.34
C TYR B 129 6.47 -24.46 17.07
N ASN B 130 5.78 -25.59 16.96
CA ASN B 130 6.40 -26.90 16.79
C ASN B 130 6.03 -27.44 15.41
N LEU B 131 7.01 -27.48 14.50
CA LEU B 131 6.74 -27.87 13.12
C LEU B 131 6.58 -29.38 12.95
N LYS B 132 7.35 -30.17 13.70
CA LYS B 132 7.41 -31.61 13.51
C LYS B 132 6.71 -32.30 14.68
N THR B 133 5.46 -32.69 14.47
CA THR B 133 4.68 -33.41 15.46
C THR B 133 4.29 -34.78 14.90
N ARG B 134 3.75 -35.62 15.78
CA ARG B 134 3.25 -36.91 15.33
C ARG B 134 2.10 -36.75 14.35
N GLU B 135 1.20 -35.82 14.62
CA GLU B 135 0.14 -35.48 13.67
C GLU B 135 0.65 -34.43 12.69
N GLY B 136 -0.09 -34.25 11.60
CA GLY B 136 0.37 -33.39 10.54
C GLY B 136 0.28 -31.91 10.84
N ASN B 137 -0.57 -31.51 11.77
CA ASN B 137 -0.79 -30.10 12.05
C ASN B 137 0.37 -29.51 12.86
N VAL B 138 0.41 -28.19 12.90
CA VAL B 138 1.40 -27.44 13.67
C VAL B 138 0.67 -26.71 14.79
N ARG B 139 1.21 -26.81 16.01
CA ARG B 139 0.53 -26.30 17.19
C ARG B 139 1.50 -25.50 18.04
N VAL B 140 0.93 -24.71 18.94
CA VAL B 140 1.69 -23.80 19.79
C VAL B 140 2.30 -24.59 20.95
N SER B 141 3.60 -24.43 21.15
CA SER B 141 4.27 -25.17 22.22
C SER B 141 4.17 -24.44 23.55
N ARG B 142 4.69 -23.21 23.62
CA ARG B 142 4.63 -22.46 24.85
C ARG B 142 4.66 -20.96 24.54
N GLU B 143 3.85 -20.19 25.27
CA GLU B 143 3.80 -18.75 25.12
C GLU B 143 4.57 -18.10 26.26
N LEU B 144 5.52 -17.25 25.92
CA LEU B 144 6.35 -16.59 26.93
C LEU B 144 5.82 -15.19 27.21
N ALA B 145 5.66 -14.87 28.49
CA ALA B 145 5.13 -13.59 28.92
C ALA B 145 5.98 -13.01 30.04
N GLY B 146 5.96 -11.69 30.17
CA GLY B 146 6.70 -11.04 31.22
C GLY B 146 7.28 -9.68 30.90
N HIS B 147 7.21 -9.25 29.64
CA HIS B 147 7.63 -7.90 29.31
C HIS B 147 6.53 -6.89 29.61
N THR B 148 6.84 -5.63 29.35
CA THR B 148 5.91 -4.52 29.56
C THR B 148 5.56 -3.80 28.26
N GLY B 149 6.51 -3.65 27.36
CA GLY B 149 6.27 -2.95 26.10
C GLY B 149 6.04 -3.86 24.92
N TYR B 150 6.62 -3.54 23.78
CA TYR B 150 6.39 -4.30 22.56
C TYR B 150 7.69 -4.95 22.08
N LEU B 151 7.58 -6.21 21.66
CA LEU B 151 8.73 -6.93 21.15
C LEU B 151 9.18 -6.38 19.81
N SER B 152 10.47 -6.52 19.51
CA SER B 152 11.02 -6.01 18.28
C SER B 152 11.82 -7.06 17.51
N CYS B 153 12.45 -8.00 18.22
CA CYS B 153 13.23 -9.03 17.55
C CYS B 153 13.46 -10.19 18.50
N CYS B 154 13.48 -11.40 17.94
CA CYS B 154 13.76 -12.61 18.69
C CYS B 154 14.68 -13.50 17.89
N ARG B 155 15.66 -14.11 18.56
CA ARG B 155 16.65 -14.96 17.90
C ARG B 155 16.98 -16.14 18.78
N PHE B 156 17.02 -17.33 18.17
CA PHE B 156 17.28 -18.57 18.89
C PHE B 156 18.77 -18.79 19.07
N LEU B 157 19.16 -19.29 20.25
CA LEU B 157 20.53 -19.73 20.49
C LEU B 157 20.69 -21.22 20.24
N ASP B 158 19.96 -22.04 20.99
CA ASP B 158 19.79 -23.46 20.75
C ASP B 158 18.29 -23.75 20.74
N ASP B 159 17.93 -25.03 20.78
CA ASP B 159 16.52 -25.37 20.76
C ASP B 159 15.84 -25.17 22.10
N ASN B 160 16.55 -24.65 23.11
CA ASN B 160 15.99 -24.52 24.44
C ASN B 160 16.13 -23.11 25.02
N GLN B 161 16.79 -22.18 24.32
CA GLN B 161 16.94 -20.81 24.79
C GLN B 161 16.53 -19.85 23.68
N ILE B 162 16.32 -18.59 24.06
CA ILE B 162 15.87 -17.55 23.13
C ILE B 162 16.13 -16.19 23.76
N VAL B 163 16.46 -15.21 22.93
CA VAL B 163 16.77 -13.85 23.35
C VAL B 163 15.82 -12.90 22.65
N THR B 164 15.23 -11.97 23.41
CA THR B 164 14.17 -11.11 22.90
C THR B 164 14.48 -9.64 23.15
N SER B 165 13.72 -8.78 22.48
CA SER B 165 13.79 -7.34 22.62
C SER B 165 12.41 -6.83 23.01
N SER B 166 12.35 -5.69 23.69
CA SER B 166 11.09 -5.17 24.18
C SER B 166 11.01 -3.67 23.98
N GLY B 167 9.78 -3.16 24.07
CA GLY B 167 9.57 -1.72 23.96
C GLY B 167 10.22 -0.95 25.11
N ASP B 168 10.01 -1.42 26.33
CA ASP B 168 10.71 -0.85 27.47
C ASP B 168 12.18 -1.19 27.38
N THR B 169 13.00 -0.36 28.03
CA THR B 169 14.45 -0.42 27.83
C THR B 169 14.81 -1.68 28.61
N THR B 170 14.88 -2.82 27.93
CA THR B 170 15.20 -4.09 28.59
C THR B 170 15.34 -5.13 27.49
N CYS B 171 16.27 -6.06 27.71
CA CYS B 171 16.43 -7.26 26.89
C CYS B 171 16.58 -8.45 27.82
N ALA B 172 16.08 -9.60 27.38
CA ALA B 172 15.97 -10.75 28.27
C ALA B 172 16.43 -12.01 27.57
N LEU B 173 16.74 -13.03 28.38
CA LEU B 173 17.05 -14.37 27.92
C LEU B 173 16.11 -15.33 28.63
N TRP B 174 15.54 -16.26 27.87
CA TRP B 174 14.50 -17.14 28.37
C TRP B 174 14.93 -18.60 28.35
N ASP B 175 14.15 -19.41 29.05
CA ASP B 175 14.18 -20.86 28.97
C ASP B 175 12.85 -21.34 28.43
N ILE B 176 12.88 -22.35 27.57
CA ILE B 176 11.65 -22.77 26.89
C ILE B 176 10.92 -23.84 27.69
N GLU B 177 11.63 -24.78 28.30
CA GLU B 177 10.97 -25.79 29.12
C GLU B 177 10.28 -25.16 30.33
N THR B 178 11.02 -24.37 31.09
CA THR B 178 10.47 -23.58 32.18
C THR B 178 10.37 -22.13 31.72
N GLY B 179 9.16 -21.59 31.72
CA GLY B 179 8.91 -20.32 31.07
C GLY B 179 9.46 -19.10 31.79
N GLN B 180 10.09 -19.29 32.94
CA GLN B 180 10.59 -18.15 33.71
C GLN B 180 11.83 -17.54 33.05
N GLN B 181 12.01 -16.25 33.30
CA GLN B 181 13.23 -15.57 32.87
C GLN B 181 14.43 -16.13 33.63
N THR B 182 15.60 -16.04 33.00
CA THR B 182 16.83 -16.46 33.67
C THR B 182 17.81 -15.33 33.91
N THR B 183 17.73 -14.25 33.14
CA THR B 183 18.57 -13.07 33.34
C THR B 183 17.91 -11.91 32.61
N THR B 184 18.04 -10.72 33.18
CA THR B 184 17.51 -9.51 32.58
C THR B 184 18.63 -8.51 32.38
N PHE B 185 18.57 -7.78 31.26
CA PHE B 185 19.59 -6.84 30.86
C PHE B 185 19.01 -5.43 30.88
N THR B 186 19.69 -4.52 31.59
CA THR B 186 19.20 -3.16 31.77
C THR B 186 20.34 -2.17 31.53
N GLY B 187 19.96 -0.94 31.20
CA GLY B 187 20.95 0.11 31.01
C GLY B 187 20.63 1.11 29.92
N HIS B 188 19.64 0.81 29.08
CA HIS B 188 19.29 1.75 28.01
C HIS B 188 18.38 2.86 28.55
N THR B 189 18.09 3.82 27.69
CA THR B 189 17.21 4.93 28.02
C THR B 189 16.07 5.12 27.02
N GLY B 190 15.94 4.25 26.02
CA GLY B 190 14.88 4.36 25.04
C GLY B 190 14.53 3.01 24.47
N ASP B 191 13.59 3.01 23.53
CA ASP B 191 13.14 1.77 22.93
C ASP B 191 14.28 1.09 22.17
N VAL B 192 14.41 -0.22 22.37
CA VAL B 192 15.43 -1.02 21.70
C VAL B 192 14.76 -1.80 20.57
N MET B 193 15.41 -1.83 19.40
CA MET B 193 14.74 -2.29 18.19
C MET B 193 15.52 -3.27 17.32
N SER B 194 16.68 -3.76 17.73
CA SER B 194 17.38 -4.72 16.89
C SER B 194 18.33 -5.57 17.72
N LEU B 195 18.55 -6.80 17.25
CA LEU B 195 19.44 -7.77 17.86
C LEU B 195 20.27 -8.45 16.80
N SER B 196 21.43 -8.98 17.19
CA SER B 196 22.24 -9.81 16.30
C SER B 196 23.13 -10.67 17.20
N LEU B 197 22.88 -11.98 17.22
CA LEU B 197 23.74 -12.87 17.97
C LEU B 197 25.07 -13.06 17.26
N ALA B 198 26.13 -13.21 18.04
CA ALA B 198 27.44 -13.46 17.49
C ALA B 198 27.49 -14.86 16.87
N PRO B 199 28.37 -15.08 15.89
CA PRO B 199 28.48 -16.41 15.28
C PRO B 199 28.81 -17.51 16.27
N ASP B 200 29.56 -17.21 17.33
CA ASP B 200 29.92 -18.21 18.32
C ASP B 200 28.93 -18.29 19.48
N THR B 201 27.85 -17.51 19.43
CA THR B 201 26.75 -17.58 20.40
C THR B 201 27.22 -17.40 21.84
N ARG B 202 28.08 -16.40 22.07
CA ARG B 202 28.47 -16.01 23.41
C ARG B 202 28.32 -14.52 23.69
N LEU B 203 28.23 -13.68 22.67
CA LEU B 203 28.03 -12.25 22.82
C LEU B 203 26.87 -11.82 21.92
N PHE B 204 26.23 -10.71 22.28
CA PHE B 204 25.15 -10.19 21.45
C PHE B 204 25.00 -8.69 21.63
N VAL B 205 24.81 -7.97 20.53
CA VAL B 205 24.78 -6.52 20.50
C VAL B 205 23.39 -6.04 20.07
N SER B 206 23.00 -4.88 20.57
CA SER B 206 21.68 -4.33 20.30
C SER B 206 21.76 -2.81 20.18
N GLY B 207 20.78 -2.23 19.49
CA GLY B 207 20.73 -0.79 19.32
C GLY B 207 19.34 -0.26 19.62
N ALA B 208 19.28 0.95 20.16
CA ALA B 208 18.06 1.51 20.69
C ALA B 208 17.77 2.88 20.07
N CYS B 209 16.78 3.56 20.62
CA CYS B 209 16.31 4.85 20.11
C CYS B 209 16.94 6.04 20.81
N ASP B 210 18.09 5.87 21.44
CA ASP B 210 18.81 6.97 22.06
C ASP B 210 20.21 7.18 21.46
N ALA B 211 20.41 6.73 20.22
CA ALA B 211 21.67 6.90 19.51
C ALA B 211 22.84 6.25 20.25
N SER B 212 22.59 5.08 20.82
CA SER B 212 23.63 4.29 21.45
C SER B 212 23.44 2.82 21.13
N ALA B 213 24.54 2.10 20.98
CA ALA B 213 24.53 0.66 20.76
C ALA B 213 25.41 0.00 21.80
N LYS B 214 24.95 -1.13 22.33
CA LYS B 214 25.62 -1.77 23.45
C LYS B 214 25.92 -3.23 23.14
N LEU B 215 26.95 -3.74 23.82
CA LEU B 215 27.35 -5.15 23.74
C LEU B 215 27.17 -5.78 25.10
N TRP B 216 26.75 -7.03 25.14
CA TRP B 216 26.51 -7.73 26.39
C TRP B 216 27.21 -9.08 26.40
N ASP B 217 27.45 -9.59 27.61
CA ASP B 217 27.95 -10.94 27.83
C ASP B 217 26.81 -11.79 28.37
N VAL B 218 26.42 -12.82 27.62
CA VAL B 218 25.19 -13.54 27.91
C VAL B 218 25.32 -14.32 29.22
N ARG B 219 26.50 -14.88 29.49
CA ARG B 219 26.65 -15.72 30.67
C ARG B 219 26.71 -14.88 31.95
N GLU B 220 27.42 -13.74 31.90
CA GLU B 220 27.59 -12.96 33.11
C GLU B 220 26.38 -12.07 33.37
N GLY B 221 26.10 -11.12 32.47
CA GLY B 221 24.95 -10.25 32.61
C GLY B 221 25.26 -8.78 32.77
N MET B 222 26.40 -8.31 32.27
CA MET B 222 26.80 -6.92 32.44
C MET B 222 27.26 -6.34 31.10
N CYS B 223 27.01 -5.05 30.91
CA CYS B 223 27.51 -4.34 29.75
C CYS B 223 29.03 -4.27 29.79
N ARG B 224 29.65 -4.20 28.62
CA ARG B 224 31.10 -4.07 28.54
C ARG B 224 31.55 -2.81 27.82
N GLN B 225 30.92 -2.48 26.68
CA GLN B 225 31.28 -1.29 25.93
C GLN B 225 30.02 -0.56 25.49
N THR B 226 30.16 0.75 25.29
CA THR B 226 29.06 1.59 24.81
C THR B 226 29.58 2.48 23.68
N PHE B 227 28.90 2.43 22.53
CA PHE B 227 29.29 3.19 21.36
C PHE B 227 28.19 4.22 21.07
N THR B 228 28.56 5.46 20.78
CA THR B 228 27.54 6.48 20.53
C THR B 228 27.72 7.35 19.27
N GLY B 229 28.03 6.72 18.15
CA GLY B 229 28.20 7.44 16.90
C GLY B 229 26.97 8.16 16.35
N HIS B 230 25.82 7.51 16.45
CA HIS B 230 24.55 8.06 15.95
C HIS B 230 23.96 9.24 16.72
N GLU B 231 23.24 10.10 15.99
CA GLU B 231 22.58 11.27 16.57
C GLU B 231 21.10 10.97 16.80
N SER B 232 20.46 10.41 15.78
CA SER B 232 19.05 10.05 15.84
C SER B 232 18.97 8.56 16.22
N ASP B 233 17.80 7.97 16.02
CA ASP B 233 17.54 6.63 16.50
C ASP B 233 17.99 5.55 15.51
N ILE B 234 18.42 4.41 16.08
CA ILE B 234 18.98 3.27 15.35
C ILE B 234 17.87 2.32 14.96
N ASN B 235 17.94 1.78 13.74
CA ASN B 235 16.90 0.91 13.21
C ASN B 235 17.36 -0.49 12.82
N ALA B 236 18.66 -0.76 12.78
CA ALA B 236 19.11 -2.09 12.41
C ALA B 236 20.53 -2.31 12.90
N ILE B 237 20.91 -3.59 13.01
CA ILE B 237 22.24 -3.96 13.45
C ILE B 237 22.49 -5.41 13.02
N CYS B 238 23.75 -5.71 12.70
CA CYS B 238 24.13 -7.07 12.33
C CYS B 238 25.64 -7.22 12.44
N PHE B 239 26.09 -8.42 12.77
CA PHE B 239 27.52 -8.72 12.82
C PHE B 239 28.14 -8.92 11.46
N PHE B 240 29.31 -8.32 11.29
CA PHE B 240 30.26 -8.74 10.29
C PHE B 240 30.65 -10.18 10.57
N PRO B 241 30.90 -11.00 9.53
CA PRO B 241 31.10 -12.45 9.77
C PRO B 241 32.22 -12.78 10.74
N ASN B 242 33.23 -11.91 10.88
CA ASN B 242 34.35 -12.20 11.76
C ASN B 242 33.88 -12.39 13.21
N GLY B 243 33.06 -11.47 13.69
CA GLY B 243 32.78 -11.38 15.11
C GLY B 243 33.50 -10.27 15.83
N ASN B 244 34.06 -9.31 15.11
CA ASN B 244 34.79 -8.20 15.71
C ASN B 244 34.32 -6.85 15.16
N ALA B 245 33.15 -6.82 14.53
CA ALA B 245 32.62 -5.57 13.98
C ALA B 245 31.11 -5.72 13.80
N PHE B 246 30.44 -4.58 13.72
CA PHE B 246 29.00 -4.55 13.53
C PHE B 246 28.62 -3.21 12.91
N ALA B 247 27.60 -3.24 12.06
CA ALA B 247 27.18 -2.08 11.29
C ALA B 247 25.74 -1.73 11.60
N THR B 248 25.45 -0.44 11.72
CA THR B 248 24.13 0.03 12.11
C THR B 248 23.65 1.11 11.16
N GLY B 249 22.34 1.17 10.97
CA GLY B 249 21.72 2.17 10.14
C GLY B 249 20.62 2.88 10.93
N SER B 250 20.36 4.13 10.56
CA SER B 250 19.52 4.99 11.38
C SER B 250 18.66 5.87 10.49
N ASP B 251 17.76 6.62 11.14
CA ASP B 251 16.88 7.56 10.46
C ASP B 251 17.59 8.88 10.14
N ASP B 252 18.92 8.91 10.24
CA ASP B 252 19.73 10.05 9.84
C ASP B 252 20.23 9.92 8.41
N ALA B 253 19.83 8.87 7.69
CA ALA B 253 20.23 8.58 6.32
C ALA B 253 21.70 8.20 6.20
N THR B 254 22.35 7.82 7.30
CA THR B 254 23.76 7.45 7.28
C THR B 254 23.98 6.13 8.00
N CYS B 255 24.73 5.23 7.37
CA CYS B 255 25.16 3.99 7.97
C CYS B 255 26.56 4.16 8.54
N ARG B 256 26.90 3.30 9.51
CA ARG B 256 28.20 3.34 10.15
C ARG B 256 28.66 1.92 10.47
N LEU B 257 29.96 1.79 10.69
CA LEU B 257 30.60 0.49 10.95
C LEU B 257 31.57 0.63 12.10
N PHE B 258 31.28 -0.05 13.21
CA PHE B 258 32.12 -0.01 14.40
C PHE B 258 32.98 -1.27 14.49
N ASP B 259 33.98 -1.21 15.36
CA ASP B 259 34.79 -2.37 15.71
C ASP B 259 34.96 -2.38 17.23
N LEU B 260 35.24 -3.57 17.76
CA LEU B 260 35.13 -3.77 19.20
C LEU B 260 36.43 -3.51 19.94
N ARG B 261 37.54 -4.08 19.47
CA ARG B 261 38.81 -3.91 20.17
C ARG B 261 39.28 -2.46 20.13
N ALA B 262 39.09 -1.78 18.99
CA ALA B 262 39.51 -0.39 18.87
C ALA B 262 38.59 0.56 19.60
N ASP B 263 37.32 0.21 19.78
CA ASP B 263 36.35 1.05 20.48
C ASP B 263 36.27 2.44 19.84
N GLN B 264 35.99 2.45 18.55
CA GLN B 264 36.01 3.66 17.75
C GLN B 264 34.84 3.60 16.76
N GLU B 265 34.89 4.50 15.78
CA GLU B 265 33.94 4.53 14.67
C GLU B 265 34.75 4.73 13.39
N LEU B 266 34.60 3.81 12.44
CA LEU B 266 35.54 3.73 11.34
C LEU B 266 35.10 4.49 10.08
N MET B 267 33.97 4.11 9.50
CA MET B 267 33.54 4.66 8.22
C MET B 267 32.08 5.07 8.25
N THR B 268 31.73 6.02 7.39
CA THR B 268 30.37 6.54 7.26
C THR B 268 30.01 6.58 5.79
N TYR B 269 28.88 5.96 5.45
CA TYR B 269 28.41 5.88 4.06
C TYR B 269 27.40 6.99 3.83
N SER B 270 27.88 8.20 3.62
CA SER B 270 27.03 9.38 3.47
C SER B 270 26.93 9.76 2.01
N HIS B 271 25.72 10.13 1.60
CA HIS B 271 25.46 10.63 0.25
C HIS B 271 24.49 11.80 0.33
N ASP B 272 24.75 12.84 -0.46
CA ASP B 272 23.96 14.06 -0.35
C ASP B 272 22.64 13.94 -1.09
N ASN B 273 22.52 12.97 -1.99
CA ASN B 273 21.27 12.80 -2.74
C ASN B 273 20.21 12.14 -1.86
N ILE B 274 20.58 11.12 -1.09
CA ILE B 274 19.62 10.36 -0.31
C ILE B 274 19.22 11.16 0.93
N ILE B 275 17.93 11.20 1.22
CA ILE B 275 17.41 11.90 2.40
C ILE B 275 16.61 10.99 3.32
N CYS B 276 16.00 9.93 2.79
CA CYS B 276 15.19 9.03 3.60
C CYS B 276 16.07 8.21 4.55
N GLY B 277 15.42 7.40 5.39
CA GLY B 277 16.11 6.64 6.41
C GLY B 277 16.34 5.19 6.04
N ILE B 278 17.23 4.55 6.80
CA ILE B 278 17.51 3.14 6.61
C ILE B 278 16.48 2.30 7.35
N THR B 279 16.28 1.07 6.89
CA THR B 279 15.29 0.19 7.49
C THR B 279 15.75 -1.25 7.68
N SER B 280 16.96 -1.61 7.25
CA SER B 280 17.54 -2.93 7.50
C SER B 280 18.96 -2.93 6.98
N VAL B 281 19.80 -3.77 7.58
CA VAL B 281 21.20 -3.93 7.19
C VAL B 281 21.59 -5.39 7.36
N SER B 282 22.30 -5.93 6.37
CA SER B 282 22.82 -7.28 6.44
C SER B 282 24.08 -7.38 5.60
N PHE B 283 25.03 -8.21 6.05
CA PHE B 283 26.30 -8.36 5.38
C PHE B 283 26.23 -9.51 4.37
N SER B 284 27.38 -9.91 3.85
CA SER B 284 27.49 -11.02 2.91
C SER B 284 28.39 -12.10 3.50
N LYS B 285 28.68 -13.12 2.70
CA LYS B 285 29.45 -14.25 3.19
C LYS B 285 30.93 -13.89 3.34
N SER B 286 31.45 -13.10 2.42
CA SER B 286 32.86 -12.75 2.43
C SER B 286 33.19 -11.45 3.12
N GLY B 287 32.17 -10.72 3.58
CA GLY B 287 32.43 -9.42 4.16
C GLY B 287 32.88 -8.39 3.18
N ARG B 288 32.35 -8.38 1.97
CA ARG B 288 32.77 -7.48 0.91
C ARG B 288 31.67 -6.54 0.45
N LEU B 289 30.41 -6.95 0.58
CA LEU B 289 29.27 -6.15 0.18
C LEU B 289 28.33 -5.95 1.36
N LEU B 290 27.92 -4.71 1.58
CA LEU B 290 26.95 -4.35 2.61
C LEU B 290 25.65 -3.98 1.93
N LEU B 291 24.56 -4.59 2.38
CA LEU B 291 23.24 -4.38 1.79
C LEU B 291 22.33 -3.68 2.79
N ALA B 292 21.57 -2.71 2.32
CA ALA B 292 20.73 -1.91 3.19
C ALA B 292 19.47 -1.47 2.45
N GLY B 293 18.32 -1.58 3.12
CA GLY B 293 17.09 -1.07 2.59
C GLY B 293 16.83 0.36 3.01
N TYR B 294 16.00 1.06 2.22
CA TYR B 294 15.74 2.47 2.44
C TYR B 294 14.24 2.74 2.32
N ASP B 295 13.85 3.95 2.77
CA ASP B 295 12.45 4.35 2.77
C ASP B 295 11.95 4.76 1.39
N ASP B 296 12.85 5.02 0.43
CA ASP B 296 12.48 5.61 -0.85
C ASP B 296 12.27 4.58 -1.95
N PHE B 297 11.71 3.41 -1.59
CA PHE B 297 11.28 2.35 -2.50
C PHE B 297 12.42 1.58 -3.14
N ASN B 298 13.67 1.80 -2.70
CA ASN B 298 14.81 1.15 -3.33
C ASN B 298 15.76 0.61 -2.27
N CYS B 299 16.51 -0.42 -2.65
CA CYS B 299 17.60 -0.96 -1.85
C CYS B 299 18.92 -0.61 -2.51
N ASN B 300 20.00 -0.68 -1.72
CA ASN B 300 21.30 -0.26 -2.20
C ASN B 300 22.36 -1.27 -1.80
N VAL B 301 23.49 -1.20 -2.48
CA VAL B 301 24.64 -2.06 -2.26
C VAL B 301 25.86 -1.17 -2.03
N TRP B 302 26.63 -1.47 -0.99
CA TRP B 302 27.80 -0.69 -0.65
C TRP B 302 29.01 -1.60 -0.50
N ASP B 303 30.19 -1.03 -0.73
CA ASP B 303 31.46 -1.73 -0.54
C ASP B 303 32.10 -1.19 0.73
N ALA B 304 32.22 -2.06 1.73
CA ALA B 304 32.55 -1.60 3.09
C ALA B 304 33.95 -0.99 3.16
N LEU B 305 34.93 -1.62 2.52
CA LEU B 305 36.31 -1.19 2.74
C LEU B 305 36.64 0.12 2.04
N LYS B 306 35.91 0.48 0.99
CA LYS B 306 36.23 1.68 0.24
C LYS B 306 35.17 2.77 0.33
N ALA B 307 33.95 2.44 0.73
CA ALA B 307 32.87 3.42 0.86
C ALA B 307 32.59 4.14 -0.45
N ASP B 308 32.19 3.39 -1.46
CA ASP B 308 31.72 3.93 -2.73
C ASP B 308 30.56 3.07 -3.21
N ARG B 309 29.43 3.70 -3.53
CA ARG B 309 28.25 2.96 -3.95
C ARG B 309 28.53 2.20 -5.23
N ALA B 310 27.97 1.00 -5.32
CA ALA B 310 28.28 0.10 -6.43
C ALA B 310 27.06 -0.44 -7.17
N GLY B 311 25.95 -0.68 -6.47
CA GLY B 311 24.80 -1.29 -7.11
C GLY B 311 23.50 -0.74 -6.56
N VAL B 312 22.45 -0.95 -7.34
CA VAL B 312 21.10 -0.51 -6.99
C VAL B 312 20.12 -1.61 -7.36
N LEU B 313 19.19 -1.89 -6.45
CA LEU B 313 18.18 -2.92 -6.65
C LEU B 313 16.81 -2.27 -6.48
N ALA B 314 16.12 -2.02 -7.58
CA ALA B 314 14.83 -1.32 -7.55
C ALA B 314 13.82 -2.13 -8.33
N GLY B 315 12.89 -2.75 -7.62
CA GLY B 315 11.81 -3.48 -8.27
C GLY B 315 10.51 -3.41 -7.52
N HIS B 316 10.46 -2.57 -6.49
CA HIS B 316 9.34 -2.53 -5.57
C HIS B 316 8.52 -1.26 -5.76
N ASP B 317 7.26 -1.32 -5.34
CA ASP B 317 6.34 -0.20 -5.44
C ASP B 317 6.01 0.45 -4.10
N ASN B 318 6.64 0.00 -3.02
CA ASN B 318 6.37 0.57 -1.70
C ASN B 318 7.65 0.48 -0.88
N ARG B 319 7.52 0.66 0.43
CA ARG B 319 8.67 0.70 1.33
C ARG B 319 9.22 -0.71 1.58
N VAL B 320 10.54 -0.80 1.63
CA VAL B 320 11.24 -2.04 1.96
C VAL B 320 11.28 -2.16 3.48
N SER B 321 11.09 -3.38 3.98
CA SER B 321 11.02 -3.61 5.42
C SER B 321 11.97 -4.67 5.94
N CYS B 322 12.31 -5.67 5.14
CA CYS B 322 13.16 -6.76 5.59
C CYS B 322 14.25 -7.04 4.57
N LEU B 323 15.24 -7.82 4.98
CA LEU B 323 16.37 -8.17 4.12
C LEU B 323 17.09 -9.36 4.74
N GLY B 324 17.71 -10.17 3.88
CA GLY B 324 18.37 -11.37 4.36
C GLY B 324 19.30 -12.03 3.37
N VAL B 325 20.37 -12.65 3.87
CA VAL B 325 21.37 -13.31 3.06
C VAL B 325 21.54 -14.72 3.56
N THR B 326 21.61 -15.68 2.64
CA THR B 326 21.64 -17.08 3.01
C THR B 326 23.02 -17.49 3.50
N ASP B 327 23.07 -18.65 4.17
CA ASP B 327 24.34 -19.12 4.73
C ASP B 327 25.26 -19.64 3.64
N ASP B 328 24.70 -20.19 2.56
CA ASP B 328 25.53 -20.60 1.43
C ASP B 328 26.21 -19.40 0.77
N GLY B 329 25.49 -18.28 0.67
CA GLY B 329 26.00 -17.11 0.00
C GLY B 329 25.52 -16.92 -1.42
N MET B 330 24.52 -17.67 -1.85
CA MET B 330 24.15 -17.76 -3.25
C MET B 330 22.80 -17.10 -3.53
N ALA B 331 22.21 -16.42 -2.55
CA ALA B 331 20.96 -15.73 -2.78
C ALA B 331 20.83 -14.58 -1.79
N VAL B 332 20.00 -13.60 -2.15
CA VAL B 332 19.68 -12.48 -1.30
C VAL B 332 18.19 -12.17 -1.48
N ALA B 333 17.48 -12.02 -0.37
CA ALA B 333 16.04 -11.85 -0.40
C ALA B 333 15.65 -10.51 0.19
N THR B 334 14.55 -9.94 -0.34
CA THR B 334 14.03 -8.67 0.13
C THR B 334 12.52 -8.79 0.33
N GLY B 335 11.95 -7.81 1.01
CA GLY B 335 10.52 -7.75 1.20
C GLY B 335 10.02 -6.34 1.42
N SER B 336 8.87 -6.02 0.86
CA SER B 336 8.32 -4.67 0.90
C SER B 336 6.83 -4.72 1.20
N TRP B 337 6.24 -3.54 1.36
CA TRP B 337 4.84 -3.43 1.78
C TRP B 337 3.87 -3.64 0.64
N ASP B 338 4.32 -4.20 -0.47
CA ASP B 338 3.44 -4.56 -1.59
C ASP B 338 3.07 -6.03 -1.57
N SER B 339 3.39 -6.76 -0.50
CA SER B 339 3.04 -8.17 -0.32
C SER B 339 3.75 -9.06 -1.34
N PHE B 340 4.97 -8.71 -1.73
CA PHE B 340 5.74 -9.51 -2.66
C PHE B 340 7.12 -9.82 -2.09
N LEU B 341 7.55 -11.06 -2.25
CA LEU B 341 8.92 -11.46 -1.94
C LEU B 341 9.68 -11.60 -3.25
N LYS B 342 10.89 -11.05 -3.29
CA LYS B 342 11.73 -11.11 -4.48
C LYS B 342 13.07 -11.72 -4.11
N ILE B 343 13.35 -12.91 -4.65
CA ILE B 343 14.59 -13.63 -4.39
C ILE B 343 15.60 -13.18 -5.44
N TRP B 344 16.39 -12.16 -5.11
CA TRP B 344 17.39 -11.66 -6.04
C TRP B 344 18.56 -12.64 -6.13
N ASN B 345 19.32 -12.51 -7.21
CA ASN B 345 20.47 -13.37 -7.45
C ASN B 345 21.37 -12.77 -8.51
N GLN C 11 21.18 5.53 43.35
CA GLN C 11 20.43 5.48 42.10
C GLN C 11 21.36 5.59 40.90
N ALA C 12 22.15 6.66 40.86
CA ALA C 12 23.09 6.88 39.76
C ALA C 12 24.39 6.12 39.94
N ARG C 13 24.58 5.41 41.06
CA ARG C 13 25.80 4.67 41.27
C ARG C 13 25.98 3.56 40.23
N LYS C 14 24.87 2.99 39.75
CA LYS C 14 24.96 1.95 38.73
C LYS C 14 25.57 2.48 37.45
N LEU C 15 25.17 3.68 37.03
CA LEU C 15 25.69 4.24 35.78
C LEU C 15 27.19 4.53 35.89
N VAL C 16 27.62 5.13 36.99
CA VAL C 16 29.04 5.43 37.14
C VAL C 16 29.84 4.14 37.29
N GLU C 17 29.28 3.12 37.95
CA GLU C 17 29.96 1.84 38.04
C GLU C 17 30.12 1.20 36.66
N GLN C 18 29.08 1.27 35.83
CA GLN C 18 29.17 0.74 34.47
C GLN C 18 30.23 1.48 33.66
N LEU C 19 30.26 2.81 33.78
CA LEU C 19 31.25 3.59 33.04
C LEU C 19 32.66 3.28 33.52
N LYS C 20 32.84 3.09 34.82
CA LYS C 20 34.16 2.73 35.34
C LYS C 20 34.58 1.36 34.84
N MET C 21 33.66 0.40 34.84
CA MET C 21 33.98 -0.94 34.36
C MET C 21 34.35 -0.92 32.88
N GLU C 22 33.62 -0.17 32.08
CA GLU C 22 33.89 -0.11 30.65
C GLU C 22 35.08 0.77 30.31
N ALA C 23 35.53 1.60 31.25
CA ALA C 23 36.65 2.50 30.95
C ALA C 23 37.97 1.73 30.85
N ASN C 24 38.21 0.81 31.76
CA ASN C 24 39.47 0.06 31.79
C ASN C 24 39.29 -1.21 30.95
N ILE C 25 39.68 -1.12 29.69
CA ILE C 25 39.63 -2.25 28.76
C ILE C 25 40.88 -2.21 27.90
N ASP C 26 41.12 -3.32 27.20
CA ASP C 26 42.28 -3.44 26.32
C ASP C 26 41.88 -3.02 24.92
N ARG C 27 42.48 -1.94 24.42
CA ARG C 27 42.18 -1.41 23.10
C ARG C 27 43.42 -1.49 22.22
N ILE C 28 43.20 -1.70 20.92
CA ILE C 28 44.30 -1.82 19.97
C ILE C 28 44.26 -0.64 19.01
N LYS C 29 45.25 -0.55 18.13
CA LYS C 29 45.33 0.53 17.16
C LYS C 29 44.38 0.29 16.00
N VAL C 30 43.96 1.39 15.37
CA VAL C 30 43.04 1.29 14.24
C VAL C 30 43.69 0.63 13.04
N SER C 31 44.99 0.82 12.86
CA SER C 31 45.68 0.16 11.76
C SER C 31 45.60 -1.36 11.88
N LYS C 32 45.70 -1.88 13.10
CA LYS C 32 45.60 -3.32 13.31
C LYS C 32 44.21 -3.84 12.92
N ALA C 33 43.16 -3.13 13.33
CA ALA C 33 41.81 -3.55 12.96
C ALA C 33 41.59 -3.47 11.46
N ALA C 34 42.08 -2.42 10.82
CA ALA C 34 41.95 -2.29 9.37
C ALA C 34 42.68 -3.43 8.67
N ALA C 35 43.89 -3.77 9.14
CA ALA C 35 44.63 -4.88 8.55
C ALA C 35 43.89 -6.19 8.73
N ASP C 36 43.29 -6.39 9.91
CA ASP C 36 42.56 -7.63 10.16
C ASP C 36 41.37 -7.76 9.20
N LEU C 37 40.58 -6.70 9.07
CA LEU C 37 39.42 -6.76 8.17
C LEU C 37 39.86 -6.96 6.72
N MET C 38 40.89 -6.22 6.29
CA MET C 38 41.35 -6.35 4.91
C MET C 38 41.87 -7.76 4.64
N ALA C 39 42.63 -8.33 5.57
CA ALA C 39 43.15 -9.68 5.41
C ALA C 39 42.03 -10.69 5.36
N TYR C 40 41.02 -10.53 6.22
CA TYR C 40 39.90 -11.47 6.20
C TYR C 40 39.15 -11.40 4.88
N CYS C 41 38.90 -10.19 4.36
CA CYS C 41 38.20 -10.07 3.09
C CYS C 41 39.03 -10.66 1.96
N GLU C 42 40.33 -10.40 1.94
CA GLU C 42 41.18 -10.96 0.90
C GLU C 42 41.20 -12.48 0.95
N ALA C 43 41.27 -13.04 2.16
CA ALA C 43 41.27 -14.49 2.30
C ALA C 43 39.96 -15.10 1.82
N HIS C 44 38.84 -14.61 2.34
CA HIS C 44 37.54 -15.08 1.88
C HIS C 44 36.97 -14.17 0.78
N ALA C 45 37.80 -13.88 -0.23
CA ALA C 45 37.34 -13.17 -1.41
C ALA C 45 36.99 -14.09 -2.57
N LYS C 46 37.33 -15.37 -2.48
CA LYS C 46 37.07 -16.32 -3.55
C LYS C 46 35.89 -17.24 -3.26
N GLU C 47 35.09 -16.93 -2.24
CA GLU C 47 34.00 -17.80 -1.84
C GLU C 47 32.63 -17.11 -1.80
N ASP C 48 32.54 -15.84 -2.19
CA ASP C 48 31.28 -15.13 -2.14
C ASP C 48 30.65 -15.09 -3.53
N PRO C 49 29.55 -15.81 -3.76
CA PRO C 49 28.93 -15.82 -5.10
C PRO C 49 28.41 -14.47 -5.56
N LEU C 50 28.06 -13.57 -4.65
CA LEU C 50 27.57 -12.26 -5.07
C LEU C 50 28.64 -11.45 -5.79
N LEU C 51 29.86 -11.43 -5.25
CA LEU C 51 30.93 -10.65 -5.86
C LEU C 51 31.32 -11.21 -7.22
N THR C 52 31.60 -12.52 -7.28
CA THR C 52 31.99 -13.17 -8.52
C THR C 52 30.87 -14.06 -9.01
N PRO C 53 30.22 -13.75 -10.13
CA PRO C 53 29.12 -14.59 -10.60
C PRO C 53 29.58 -16.02 -10.86
N VAL C 54 28.74 -16.97 -10.47
CA VAL C 54 29.07 -18.39 -10.55
C VAL C 54 28.66 -18.91 -11.92
N PRO C 55 29.17 -20.07 -12.35
CA PRO C 55 28.67 -20.68 -13.59
C PRO C 55 27.18 -20.95 -13.50
N ALA C 56 26.51 -20.87 -14.65
CA ALA C 56 25.07 -21.09 -14.69
C ALA C 56 24.67 -22.50 -14.29
N SER C 57 25.62 -23.44 -14.30
CA SER C 57 25.35 -24.81 -13.87
C SER C 57 25.46 -24.97 -12.36
N GLU C 58 25.87 -23.93 -11.63
CA GLU C 58 25.99 -23.99 -10.19
C GLU C 58 24.95 -23.16 -9.46
N ASN C 59 24.43 -22.11 -10.06
CA ASN C 59 23.40 -21.29 -9.44
C ASN C 59 22.07 -22.03 -9.46
N PRO C 60 21.46 -22.30 -8.31
CA PRO C 60 20.19 -23.02 -8.29
C PRO C 60 18.95 -22.14 -8.31
N PHE C 61 19.09 -20.83 -8.46
CA PHE C 61 17.94 -19.93 -8.44
C PHE C 61 17.59 -19.46 -9.84
N SER D 12 -30.99 0.90 -58.92
CA SER D 12 -31.07 1.78 -60.07
C SER D 12 -31.26 3.23 -59.63
N CYS D 13 -30.63 3.62 -58.53
CA CYS D 13 -30.74 5.00 -58.06
C CYS D 13 -29.36 5.59 -57.77
N THR D 14 -28.60 5.91 -58.81
CA THR D 14 -27.30 6.55 -58.61
C THR D 14 -27.63 7.65 -57.71
N ILE D 15 -27.14 7.57 -56.49
CA ILE D 15 -27.19 8.74 -55.69
C ILE D 15 -25.90 9.51 -55.79
N ASP D 16 -26.02 10.82 -55.75
CA ASP D 16 -24.85 11.66 -55.79
C ASP D 16 -24.20 11.62 -54.43
N HIS D 17 -22.93 11.92 -54.34
CA HIS D 17 -22.28 11.87 -53.10
C HIS D 17 -21.21 12.87 -53.17
N THR D 18 -21.57 14.10 -53.42
CA THR D 18 -20.55 15.11 -53.44
C THR D 18 -19.96 15.24 -52.04
N ILE D 19 -20.82 15.27 -51.03
CA ILE D 19 -20.36 15.45 -49.66
C ILE D 19 -19.51 14.31 -49.21
N HIS D 20 -19.89 13.12 -49.60
CA HIS D 20 -19.14 11.93 -49.23
C HIS D 20 -17.67 12.02 -49.64
N GLN D 21 -17.36 12.81 -50.66
CA GLN D 21 -16.01 12.92 -51.18
C GLN D 21 -15.31 14.21 -50.76
N THR D 22 -15.93 15.02 -49.89
CA THR D 22 -15.37 16.32 -49.53
C THR D 22 -14.94 16.40 -48.08
N LEU D 23 -15.84 16.11 -47.14
CA LEU D 23 -15.52 16.21 -45.73
C LEU D 23 -14.95 14.92 -45.16
N ALA D 24 -15.14 13.80 -45.84
CA ALA D 24 -14.68 12.52 -45.32
C ALA D 24 -13.17 12.43 -45.15
N PRO D 25 -12.33 12.79 -46.14
CA PRO D 25 -10.88 12.56 -45.95
C PRO D 25 -10.29 13.34 -44.79
N VAL D 26 -10.72 14.58 -44.59
CA VAL D 26 -10.16 15.39 -43.50
C VAL D 26 -10.48 14.73 -42.16
N VAL D 27 -11.72 14.32 -41.98
CA VAL D 27 -12.12 13.69 -40.73
C VAL D 27 -11.37 12.39 -40.52
N TYR D 28 -11.25 11.57 -41.56
CA TYR D 28 -10.60 10.27 -41.41
C TYR D 28 -9.13 10.45 -41.04
N VAL D 29 -8.43 11.34 -41.73
CA VAL D 29 -7.00 11.51 -41.45
C VAL D 29 -6.79 12.12 -40.08
N THR D 30 -7.62 13.09 -39.70
CA THR D 30 -7.49 13.68 -38.37
C THR D 30 -7.75 12.64 -37.29
N VAL D 31 -8.78 11.81 -37.47
CA VAL D 31 -9.09 10.79 -36.48
C VAL D 31 -7.93 9.82 -36.35
N LEU D 32 -7.37 9.37 -37.47
CA LEU D 32 -6.27 8.41 -37.41
C LEU D 32 -5.08 9.01 -36.67
N VAL D 33 -4.67 10.22 -37.07
CA VAL D 33 -3.46 10.84 -36.52
C VAL D 33 -3.63 11.11 -35.03
N VAL D 34 -4.77 11.69 -34.64
CA VAL D 34 -4.97 12.02 -33.24
C VAL D 34 -5.17 10.76 -32.40
N GLY D 35 -5.83 9.75 -32.94
CA GLY D 35 -6.29 8.65 -32.12
C GLY D 35 -5.44 7.40 -32.05
N PHE D 36 -4.41 7.26 -32.90
CA PHE D 36 -3.52 6.12 -32.70
C PHE D 36 -2.64 6.29 -31.45
N PRO D 37 -1.80 7.32 -31.34
CA PRO D 37 -0.96 7.42 -30.14
C PRO D 37 -1.77 7.58 -28.86
N ALA D 38 -2.89 8.29 -28.94
CA ALA D 38 -3.72 8.46 -27.75
C ALA D 38 -4.18 7.10 -27.21
N ASN D 39 -4.63 6.23 -28.10
CA ASN D 39 -5.09 4.93 -27.67
C ASN D 39 -3.95 4.04 -27.21
N CYS D 40 -2.76 4.16 -27.82
CA CYS D 40 -1.63 3.38 -27.32
C CYS D 40 -1.27 3.79 -25.89
N LEU D 41 -1.23 5.10 -25.63
CA LEU D 41 -0.94 5.56 -24.27
C LEU D 41 -2.04 5.13 -23.29
N SER D 42 -3.30 5.15 -23.74
CA SER D 42 -4.37 4.67 -22.88
C SER D 42 -4.20 3.18 -22.56
N LEU D 43 -3.73 2.40 -23.52
CA LEU D 43 -3.47 0.99 -23.27
C LEU D 43 -2.39 0.82 -22.22
N TYR D 44 -1.33 1.64 -22.30
CA TYR D 44 -0.29 1.56 -21.28
C TYR D 44 -0.84 1.89 -19.90
N PHE D 45 -1.69 2.92 -19.82
CA PHE D 45 -2.30 3.27 -18.54
C PHE D 45 -3.18 2.14 -18.02
N GLY D 46 -3.90 1.47 -18.92
CA GLY D 46 -4.72 0.35 -18.51
C GLY D 46 -3.88 -0.81 -17.98
N TYR D 47 -2.73 -1.06 -18.59
CA TYR D 47 -1.78 -2.02 -18.03
C TYR D 47 -1.38 -1.62 -16.62
N LEU D 48 -1.02 -0.35 -16.44
CA LEU D 48 -0.59 0.10 -15.13
C LEU D 48 -1.69 -0.11 -14.09
N GLN D 49 -2.94 0.13 -14.48
CA GLN D 49 -4.04 -0.06 -13.53
C GLN D 49 -4.28 -1.54 -13.24
N ILE D 50 -4.32 -2.37 -14.28
CA ILE D 50 -4.64 -3.79 -14.08
C ILE D 50 -3.56 -4.48 -13.27
N LYS D 51 -2.33 -3.98 -13.32
CA LYS D 51 -1.28 -4.57 -12.52
C LYS D 51 -1.58 -4.45 -11.03
N ALA D 52 -2.06 -3.28 -10.60
CA ALA D 52 -2.26 -3.03 -9.17
C ALA D 52 -3.69 -3.33 -8.73
N ARG D 53 -4.18 -4.52 -9.08
CA ARG D 53 -5.43 -5.08 -8.56
C ARG D 53 -6.57 -4.06 -8.56
N ASN D 54 -6.92 -3.61 -9.75
CA ASN D 54 -8.06 -2.71 -9.94
C ASN D 54 -8.99 -3.32 -10.97
N GLU D 55 -10.29 -3.28 -10.69
CA GLU D 55 -11.25 -3.95 -11.56
C GLU D 55 -11.49 -3.18 -12.85
N LEU D 56 -11.36 -1.86 -12.83
CA LEU D 56 -11.58 -1.09 -14.05
C LEU D 56 -10.56 -1.40 -15.14
N GLY D 57 -9.37 -1.85 -14.76
CA GLY D 57 -8.32 -2.02 -15.74
C GLY D 57 -8.73 -2.94 -16.88
N VAL D 58 -9.49 -3.99 -16.56
CA VAL D 58 -9.97 -4.89 -17.60
C VAL D 58 -10.85 -4.12 -18.59
N TYR D 59 -11.77 -3.31 -18.07
CA TYR D 59 -12.69 -2.57 -18.94
C TYR D 59 -11.95 -1.54 -19.78
N LEU D 60 -11.02 -0.79 -19.17
CA LEU D 60 -10.25 0.17 -19.94
C LEU D 60 -9.43 -0.50 -21.04
N CYS D 61 -8.78 -1.61 -20.71
CA CYS D 61 -7.97 -2.29 -21.72
C CYS D 61 -8.83 -2.81 -22.87
N ASN D 62 -9.98 -3.40 -22.54
CA ASN D 62 -10.85 -3.91 -23.60
C ASN D 62 -11.41 -2.79 -24.47
N LEU D 63 -11.79 -1.67 -23.84
CA LEU D 63 -12.30 -0.53 -24.61
C LEU D 63 -11.22 0.02 -25.53
N THR D 64 -9.99 0.12 -25.05
CA THR D 64 -8.91 0.61 -25.88
C THR D 64 -8.63 -0.35 -27.04
N VAL D 65 -8.70 -1.65 -26.79
CA VAL D 65 -8.49 -2.61 -27.87
C VAL D 65 -9.58 -2.48 -28.93
N ALA D 66 -10.83 -2.31 -28.49
CA ALA D 66 -11.92 -2.11 -29.45
C ALA D 66 -11.72 -0.84 -30.26
N ASP D 67 -11.27 0.24 -29.61
CA ASP D 67 -10.99 1.48 -30.33
C ASP D 67 -9.88 1.28 -31.36
N LEU D 68 -8.82 0.57 -30.99
CA LEU D 68 -7.75 0.29 -31.96
C LEU D 68 -8.27 -0.53 -33.13
N PHE D 69 -9.13 -1.51 -32.86
CA PHE D 69 -9.68 -2.31 -33.94
C PHE D 69 -10.50 -1.44 -34.89
N TYR D 70 -11.26 -0.51 -34.35
CA TYR D 70 -12.00 0.44 -35.19
C TYR D 70 -11.02 1.29 -36.01
N ILE D 71 -9.98 1.80 -35.35
CA ILE D 71 -9.06 2.75 -36.00
C ILE D 71 -8.32 2.08 -37.14
N CYS D 72 -7.90 0.83 -36.95
CA CYS D 72 -7.14 0.13 -37.98
C CYS D 72 -7.94 -0.05 -39.26
N SER D 73 -9.26 0.08 -39.20
CA SER D 73 -10.08 -0.11 -40.39
C SER D 73 -10.21 1.13 -41.25
N LEU D 74 -9.92 2.32 -40.68
CA LEU D 74 -10.07 3.54 -41.46
C LEU D 74 -9.18 3.61 -42.70
N PRO D 75 -7.91 3.17 -42.69
CA PRO D 75 -7.10 3.29 -43.91
C PRO D 75 -7.72 2.67 -45.15
N PHE D 76 -8.38 1.52 -45.02
CA PHE D 76 -9.08 0.96 -46.17
C PHE D 76 -10.24 1.85 -46.59
N TRP D 77 -11.02 2.35 -45.62
CA TRP D 77 -12.07 3.30 -45.95
C TRP D 77 -11.47 4.59 -46.50
N LEU D 78 -10.32 5.00 -45.98
CA LEU D 78 -9.69 6.21 -46.50
C LEU D 78 -9.33 6.05 -47.97
N GLN D 79 -8.80 4.89 -48.34
CA GLN D 79 -8.50 4.64 -49.75
C GLN D 79 -9.78 4.52 -50.57
N TYR D 80 -10.85 4.02 -49.97
CA TYR D 80 -12.13 3.99 -50.66
C TYR D 80 -12.65 5.39 -50.94
N VAL D 81 -12.45 6.31 -50.00
CA VAL D 81 -12.93 7.68 -50.17
C VAL D 81 -12.04 8.44 -51.16
N LEU D 82 -10.74 8.24 -51.05
CA LEU D 82 -9.83 8.91 -51.95
C LEU D 82 -10.23 8.59 -53.38
N GLN D 83 -10.45 7.31 -53.66
CA GLN D 83 -10.87 6.90 -55.00
C GLN D 83 -12.30 7.27 -55.25
N HIS D 84 -12.63 7.56 -56.50
CA HIS D 84 -14.01 7.89 -56.86
C HIS D 84 -14.87 6.65 -56.90
N ASP D 85 -15.71 6.48 -55.90
CA ASP D 85 -16.62 5.33 -55.81
C ASP D 85 -16.05 3.95 -56.01
N ASN D 86 -14.78 3.75 -55.72
CA ASN D 86 -14.25 2.43 -56.04
C ASN D 86 -13.67 1.76 -54.81
N TRP D 87 -13.79 0.43 -54.77
CA TRP D 87 -13.29 -0.38 -53.66
C TRP D 87 -12.45 -1.50 -54.26
N SER D 88 -11.12 -1.28 -54.29
CA SER D 88 -10.24 -2.13 -55.07
C SER D 88 -9.85 -3.43 -54.41
N HIS D 89 -9.60 -3.41 -53.09
CA HIS D 89 -9.02 -4.57 -52.42
C HIS D 89 -10.13 -5.61 -52.40
N GLY D 90 -10.03 -6.60 -53.28
CA GLY D 90 -10.65 -7.89 -53.11
C GLY D 90 -12.16 -7.85 -53.18
N ASP D 91 -12.74 -9.05 -53.02
CA ASP D 91 -14.17 -9.24 -52.85
C ASP D 91 -14.53 -9.54 -51.40
N LEU D 92 -13.54 -9.60 -50.53
CA LEU D 92 -13.72 -9.69 -49.09
C LEU D 92 -13.11 -8.44 -48.47
N SER D 93 -13.00 -8.43 -47.15
CA SER D 93 -12.55 -7.30 -46.36
C SER D 93 -13.52 -6.12 -46.45
N CYS D 94 -14.50 -6.18 -47.34
CA CYS D 94 -15.64 -5.29 -47.29
C CYS D 94 -16.72 -5.81 -46.37
N GLN D 95 -16.77 -7.13 -46.21
CA GLN D 95 -17.57 -7.78 -45.18
C GLN D 95 -16.83 -7.90 -43.87
N VAL D 96 -15.62 -7.36 -43.78
CA VAL D 96 -14.87 -7.27 -42.53
C VAL D 96 -14.78 -5.82 -42.07
N CYS D 97 -14.16 -4.95 -42.87
CA CYS D 97 -14.11 -3.54 -42.53
C CYS D 97 -15.52 -2.97 -42.37
N GLY D 98 -16.49 -3.53 -43.09
CA GLY D 98 -17.88 -3.15 -42.86
C GLY D 98 -18.32 -3.44 -41.43
N ILE D 99 -17.97 -4.62 -40.92
CA ILE D 99 -18.29 -4.93 -39.53
C ILE D 99 -17.59 -3.97 -38.59
N LEU D 100 -16.28 -3.79 -38.75
CA LEU D 100 -15.57 -2.92 -37.83
C LEU D 100 -15.99 -1.46 -37.93
N LEU D 101 -16.64 -1.06 -39.02
CA LEU D 101 -17.11 0.31 -39.09
C LEU D 101 -18.54 0.48 -38.60
N TYR D 102 -19.40 -0.50 -38.83
CA TYR D 102 -20.81 -0.29 -38.55
C TYR D 102 -21.28 -0.95 -37.26
N GLU D 103 -20.73 -2.11 -36.88
CA GLU D 103 -21.21 -2.84 -35.71
C GLU D 103 -20.14 -3.02 -34.63
N ASN D 104 -18.98 -2.41 -34.78
CA ASN D 104 -17.96 -2.41 -33.75
C ASN D 104 -18.06 -1.21 -32.83
N ILE D 105 -19.01 -0.31 -33.07
CA ILE D 105 -19.21 0.84 -32.19
C ILE D 105 -20.04 0.50 -30.98
N TYR D 106 -20.50 -0.74 -30.86
CA TYR D 106 -21.33 -1.15 -29.73
C TYR D 106 -20.57 -1.89 -28.65
N ILE D 107 -19.42 -2.48 -28.96
CA ILE D 107 -18.55 -2.98 -27.90
C ILE D 107 -18.13 -1.82 -27.00
N SER D 108 -17.87 -0.66 -27.62
CA SER D 108 -17.50 0.52 -26.85
C SER D 108 -18.61 0.94 -25.90
N VAL D 109 -19.85 0.97 -26.38
CA VAL D 109 -20.94 1.39 -25.50
C VAL D 109 -21.18 0.35 -24.41
N GLY D 110 -21.02 -0.93 -24.74
CA GLY D 110 -21.13 -1.94 -23.70
C GLY D 110 -20.13 -1.74 -22.58
N PHE D 111 -18.88 -1.43 -22.95
CA PHE D 111 -17.87 -1.24 -21.90
C PHE D 111 -18.08 0.09 -21.16
N LEU D 112 -18.64 1.10 -21.82
CA LEU D 112 -19.03 2.30 -21.10
C LEU D 112 -20.08 2.00 -20.04
N CYS D 113 -21.08 1.21 -20.39
CA CYS D 113 -22.10 0.84 -19.40
C CYS D 113 -21.49 0.01 -18.27
N CYS D 114 -20.55 -0.87 -18.58
CA CYS D 114 -19.88 -1.63 -17.52
C CYS D 114 -19.16 -0.70 -16.56
N ILE D 115 -18.45 0.31 -17.08
CA ILE D 115 -17.75 1.25 -16.22
C ILE D 115 -18.75 2.03 -15.36
N SER D 116 -19.88 2.42 -15.95
CA SER D 116 -20.87 3.17 -15.18
C SER D 116 -21.42 2.35 -14.03
N VAL D 117 -21.76 1.08 -14.27
CA VAL D 117 -22.29 0.24 -13.21
C VAL D 117 -21.24 -0.03 -12.14
N ASP D 118 -19.99 -0.25 -12.56
CA ASP D 118 -18.92 -0.44 -11.57
C ASP D 118 -18.78 0.79 -10.68
N ARG D 119 -18.79 1.98 -11.27
CA ARG D 119 -18.70 3.20 -10.48
C ARG D 119 -19.88 3.32 -9.52
N TYR D 120 -21.09 3.03 -10.00
CA TYR D 120 -22.26 3.17 -9.15
C TYR D 120 -22.21 2.22 -7.96
N LEU D 121 -21.81 0.98 -8.18
CA LEU D 121 -21.68 0.04 -7.07
C LEU D 121 -20.47 0.33 -6.19
N ALA D 122 -19.51 1.10 -6.68
CA ALA D 122 -18.38 1.48 -5.85
C ALA D 122 -18.62 2.71 -4.99
N VAL D 123 -19.47 3.65 -5.42
CA VAL D 123 -19.64 4.90 -4.71
C VAL D 123 -20.98 5.04 -4.01
N ALA D 124 -21.96 4.20 -4.35
CA ALA D 124 -23.28 4.30 -3.72
C ALA D 124 -23.56 3.15 -2.75
N HIS D 125 -22.95 1.99 -2.94
CA HIS D 125 -23.06 0.87 -2.01
C HIS D 125 -21.66 0.33 -1.73
N PRO D 126 -20.87 1.06 -0.92
CA PRO D 126 -19.47 0.65 -0.74
C PRO D 126 -19.28 -0.53 0.19
N PHE D 127 -20.26 -0.84 1.04
CA PHE D 127 -20.13 -1.93 2.00
C PHE D 127 -20.67 -3.26 1.49
N ARG D 128 -21.26 -3.29 0.31
CA ARG D 128 -21.92 -4.50 -0.19
C ARG D 128 -21.46 -4.78 -1.61
N PHE D 129 -21.79 -5.98 -2.07
CA PHE D 129 -21.41 -6.45 -3.41
C PHE D 129 -19.90 -6.44 -3.60
N HIS D 130 -19.19 -7.13 -2.70
CA HIS D 130 -17.75 -7.27 -2.84
C HIS D 130 -17.36 -8.29 -3.89
N GLN D 131 -18.18 -9.29 -4.12
CA GLN D 131 -17.86 -10.35 -5.07
C GLN D 131 -18.14 -9.97 -6.52
N PHE D 132 -18.85 -8.88 -6.77
CA PHE D 132 -19.13 -8.43 -8.12
C PHE D 132 -18.08 -7.45 -8.63
N ARG D 133 -17.13 -7.07 -7.79
CA ARG D 133 -16.10 -6.12 -8.20
C ARG D 133 -14.71 -6.75 -8.09
N THR D 134 -14.57 -7.98 -8.58
CA THR D 134 -13.30 -8.67 -8.62
C THR D 134 -12.85 -8.85 -10.07
N LEU D 135 -11.62 -9.31 -10.23
CA LEU D 135 -11.03 -9.44 -11.56
C LEU D 135 -11.72 -10.55 -12.36
N LYS D 136 -12.09 -11.64 -11.69
CA LYS D 136 -12.70 -12.76 -12.40
C LYS D 136 -14.05 -12.38 -13.00
N ALA D 137 -14.85 -11.62 -12.26
CA ALA D 137 -16.13 -11.16 -12.80
C ALA D 137 -15.92 -10.26 -14.01
N ALA D 138 -14.91 -9.40 -13.95
CA ALA D 138 -14.60 -8.54 -15.09
C ALA D 138 -14.20 -9.36 -16.30
N VAL D 139 -13.38 -10.39 -16.10
CA VAL D 139 -12.99 -11.23 -17.24
C VAL D 139 -14.20 -11.95 -17.81
N GLY D 140 -15.09 -12.41 -16.95
CA GLY D 140 -16.28 -13.10 -17.44
C GLY D 140 -17.17 -12.20 -18.28
N VAL D 141 -17.44 -11.00 -17.78
CA VAL D 141 -18.32 -10.10 -18.54
C VAL D 141 -17.65 -9.64 -19.83
N SER D 142 -16.33 -9.43 -19.78
CA SER D 142 -15.60 -9.08 -20.99
C SER D 142 -15.71 -10.17 -22.04
N VAL D 143 -15.58 -11.43 -21.61
CA VAL D 143 -15.68 -12.54 -22.56
C VAL D 143 -17.09 -12.62 -23.12
N VAL D 144 -18.11 -12.34 -22.31
CA VAL D 144 -19.48 -12.36 -22.81
C VAL D 144 -19.68 -11.29 -23.88
N ILE D 145 -19.19 -10.07 -23.63
CA ILE D 145 -19.33 -9.00 -24.62
C ILE D 145 -18.62 -9.36 -25.91
N TRP D 146 -17.40 -9.90 -25.81
CA TRP D 146 -16.68 -10.26 -27.03
C TRP D 146 -17.33 -11.45 -27.72
N ALA D 147 -18.01 -12.32 -26.99
CA ALA D 147 -18.74 -13.40 -27.64
C ALA D 147 -19.94 -12.87 -28.40
N LYS D 148 -20.58 -11.83 -27.87
CA LYS D 148 -21.63 -11.16 -28.63
C LYS D 148 -21.06 -10.57 -29.91
N GLU D 149 -19.88 -9.96 -29.81
CA GLU D 149 -19.19 -9.47 -31.00
C GLU D 149 -18.97 -10.59 -32.01
N LEU D 150 -18.49 -11.75 -31.54
CA LEU D 150 -18.20 -12.85 -32.44
C LEU D 150 -19.44 -13.44 -33.08
N LEU D 151 -20.57 -13.47 -32.35
CA LEU D 151 -21.79 -13.98 -32.94
C LEU D 151 -22.35 -13.00 -33.97
N THR D 152 -22.35 -11.70 -33.66
CA THR D 152 -22.74 -10.75 -34.69
C THR D 152 -21.80 -10.80 -35.89
N SER D 153 -20.52 -11.13 -35.66
CA SER D 153 -19.55 -11.21 -36.74
C SER D 153 -19.72 -12.48 -37.57
N ILE D 154 -20.20 -13.57 -36.98
CA ILE D 154 -20.54 -14.73 -37.80
C ILE D 154 -21.86 -14.46 -38.52
N TYR D 155 -22.64 -13.51 -38.02
CA TYR D 155 -23.66 -12.88 -38.84
C TYR D 155 -22.99 -11.87 -39.77
N PHE D 156 -23.77 -11.23 -40.64
CA PHE D 156 -23.31 -10.30 -41.67
C PHE D 156 -22.47 -10.95 -42.77
N LEU D 157 -22.29 -12.27 -42.74
CA LEU D 157 -21.54 -12.95 -43.78
C LEU D 157 -22.38 -13.92 -44.60
N MET D 158 -23.60 -14.24 -44.18
CA MET D 158 -24.46 -15.04 -45.03
C MET D 158 -25.04 -14.25 -46.19
N HIS D 159 -24.82 -12.94 -46.23
CA HIS D 159 -25.40 -12.07 -47.25
C HIS D 159 -24.29 -11.48 -48.11
N GLU D 160 -24.37 -11.70 -49.42
CA GLU D 160 -23.37 -11.20 -50.35
C GLU D 160 -23.69 -9.74 -50.67
N GLU D 161 -22.85 -8.84 -50.16
CA GLU D 161 -23.13 -7.41 -50.20
C GLU D 161 -22.02 -6.63 -50.92
N VAL D 162 -22.07 -6.66 -52.25
CA VAL D 162 -21.31 -5.78 -53.14
C VAL D 162 -22.12 -5.64 -54.42
N ILE D 163 -22.36 -4.40 -54.84
CA ILE D 163 -23.13 -4.16 -56.05
C ILE D 163 -22.36 -3.17 -56.92
N GLU D 164 -22.62 -3.22 -58.22
CA GLU D 164 -21.97 -2.35 -59.19
C GLU D 164 -22.87 -1.15 -59.50
N ASP D 165 -22.24 -0.04 -59.81
CA ASP D 165 -22.89 1.21 -60.14
C ASP D 165 -23.03 1.35 -61.65
N GLU D 166 -23.96 2.21 -62.08
CA GLU D 166 -24.14 2.47 -63.50
C GLU D 166 -22.82 2.84 -64.16
N ASN D 167 -22.09 3.78 -63.55
CA ASN D 167 -20.68 3.96 -63.85
C ASN D 167 -19.90 2.98 -62.98
N GLN D 168 -19.24 2.00 -63.61
CA GLN D 168 -18.69 0.87 -62.87
C GLN D 168 -17.82 1.30 -61.69
N HIS D 169 -18.33 0.99 -60.51
CA HIS D 169 -17.68 1.23 -59.24
C HIS D 169 -18.04 0.08 -58.29
N ARG D 170 -17.58 0.14 -57.05
CA ARG D 170 -17.88 -0.90 -56.07
C ARG D 170 -18.22 -0.23 -54.75
N VAL D 171 -19.51 -0.22 -54.42
CA VAL D 171 -19.96 0.29 -53.12
C VAL D 171 -19.72 -0.79 -52.08
N CYS D 172 -19.48 -0.38 -50.83
CA CYS D 172 -18.93 -1.33 -49.87
C CYS D 172 -20.00 -2.03 -49.04
N PHE D 173 -20.74 -1.28 -48.22
CA PHE D 173 -21.59 -1.90 -47.22
C PHE D 173 -22.92 -1.14 -47.12
N GLU D 174 -23.46 -0.72 -48.27
CA GLU D 174 -24.67 0.09 -48.27
C GLU D 174 -25.49 -0.21 -49.51
N HIS D 175 -26.76 -0.20 -49.29
CA HIS D 175 -27.74 -0.49 -50.27
C HIS D 175 -28.67 0.61 -49.97
N TYR D 176 -28.98 1.36 -51.02
CA TYR D 176 -29.85 2.52 -50.89
C TYR D 176 -31.33 2.18 -50.73
N PRO D 177 -31.98 1.62 -51.75
CA PRO D 177 -33.38 1.31 -51.40
C PRO D 177 -33.26 0.31 -50.28
N ILE D 178 -33.45 0.70 -49.01
CA ILE D 178 -33.17 -0.30 -48.00
C ILE D 178 -33.82 -1.66 -48.21
N GLN D 179 -33.04 -2.72 -48.03
CA GLN D 179 -33.50 -4.09 -48.23
C GLN D 179 -34.43 -4.50 -47.09
N ALA D 180 -35.26 -5.51 -47.36
CA ALA D 180 -36.21 -5.97 -46.36
C ALA D 180 -35.50 -6.51 -45.13
N TRP D 181 -34.41 -7.25 -45.33
CA TRP D 181 -33.73 -7.88 -44.21
C TRP D 181 -32.98 -6.89 -43.33
N GLN D 182 -32.82 -5.65 -43.76
CA GLN D 182 -32.06 -4.68 -42.98
C GLN D 182 -32.94 -3.83 -42.07
N ARG D 183 -34.24 -3.77 -42.35
CA ARG D 183 -35.14 -2.97 -41.52
C ARG D 183 -35.23 -3.52 -40.10
N ALA D 184 -35.36 -4.84 -39.97
CA ALA D 184 -35.42 -5.44 -38.66
C ALA D 184 -34.13 -5.23 -37.90
N ILE D 185 -32.99 -5.34 -38.59
CA ILE D 185 -31.71 -5.09 -37.96
C ILE D 185 -31.63 -3.65 -37.47
N ASN D 186 -32.12 -2.71 -38.27
CA ASN D 186 -32.11 -1.31 -37.86
C ASN D 186 -32.95 -1.09 -36.61
N TYR D 187 -34.15 -1.67 -36.57
CA TYR D 187 -35.02 -1.48 -35.41
C TYR D 187 -34.39 -2.08 -34.15
N TYR D 188 -33.96 -3.34 -34.23
CA TYR D 188 -33.37 -3.99 -33.07
C TYR D 188 -32.11 -3.27 -32.63
N ARG D 189 -31.33 -2.77 -33.59
CA ARG D 189 -30.13 -2.03 -33.28
C ARG D 189 -30.47 -0.77 -32.51
N PHE D 190 -31.44 0.01 -33.01
CA PHE D 190 -31.83 1.22 -32.30
C PHE D 190 -32.24 0.92 -30.87
N LEU D 191 -33.18 0.00 -30.69
CA LEU D 191 -33.65 -0.30 -29.33
C LEU D 191 -32.50 -0.74 -28.44
N VAL D 192 -31.88 -1.88 -28.76
CA VAL D 192 -30.91 -2.48 -27.86
C VAL D 192 -29.72 -1.56 -27.62
N GLY D 193 -29.20 -0.93 -28.69
CA GLY D 193 -28.00 -0.13 -28.55
C GLY D 193 -28.17 1.32 -28.16
N PHE D 194 -29.38 1.88 -28.16
CA PHE D 194 -29.52 3.26 -27.75
C PHE D 194 -30.76 3.54 -26.89
N LEU D 195 -31.37 2.54 -26.29
CA LEU D 195 -32.42 2.87 -25.34
C LEU D 195 -32.11 2.19 -24.02
N PHE D 196 -31.44 1.05 -24.08
CA PHE D 196 -30.97 0.36 -22.89
C PHE D 196 -29.70 1.01 -22.34
N PRO D 197 -28.65 1.20 -23.16
CA PRO D 197 -27.42 1.81 -22.62
C PRO D 197 -27.62 3.20 -22.09
N ILE D 198 -28.45 4.03 -22.73
CA ILE D 198 -28.62 5.40 -22.27
C ILE D 198 -29.39 5.42 -20.95
N CYS D 199 -30.42 4.58 -20.82
CA CYS D 199 -31.14 4.50 -19.56
C CYS D 199 -30.22 4.01 -18.45
N LEU D 200 -29.38 3.02 -18.74
CA LEU D 200 -28.45 2.54 -17.73
C LEU D 200 -27.46 3.63 -17.32
N LEU D 201 -26.91 4.35 -18.28
CA LEU D 201 -25.97 5.42 -17.98
C LEU D 201 -26.61 6.50 -17.12
N LEU D 202 -27.80 6.95 -17.51
CA LEU D 202 -28.47 7.99 -16.75
C LEU D 202 -28.83 7.52 -15.34
N ALA D 203 -29.36 6.31 -15.21
CA ALA D 203 -29.77 5.80 -13.91
C ALA D 203 -28.60 5.47 -13.01
N SER D 204 -27.40 5.29 -13.57
CA SER D 204 -26.24 5.14 -12.72
C SER D 204 -25.62 6.47 -12.32
N TYR D 205 -25.58 7.43 -13.25
CA TYR D 205 -24.92 8.68 -12.96
C TYR D 205 -25.77 9.58 -12.06
N GLN D 206 -27.09 9.48 -12.16
CA GLN D 206 -27.94 10.18 -11.18
C GLN D 206 -27.67 9.66 -9.77
N GLY D 207 -27.54 8.35 -9.62
CA GLY D 207 -27.23 7.79 -8.32
C GLY D 207 -25.89 8.26 -7.80
N ILE D 208 -24.87 8.28 -8.67
CA ILE D 208 -23.56 8.74 -8.24
C ILE D 208 -23.62 10.20 -7.80
N LEU D 209 -24.32 11.05 -8.55
CA LEU D 209 -24.41 12.46 -8.19
C LEU D 209 -25.15 12.66 -6.87
N ARG D 210 -26.23 11.91 -6.65
CA ARG D 210 -26.94 12.01 -5.38
C ARG D 210 -26.05 11.59 -4.22
N ALA D 211 -25.32 10.49 -4.39
CA ALA D 211 -24.43 10.02 -3.33
C ALA D 211 -23.33 11.03 -3.03
N VAL D 212 -22.79 11.67 -4.06
CA VAL D 212 -21.70 12.61 -3.81
C VAL D 212 -22.23 13.92 -3.24
N ARG D 213 -23.47 14.30 -3.55
CA ARG D 213 -23.99 15.53 -2.96
C ARG D 213 -24.52 15.32 -1.54
N ARG D 214 -24.75 14.08 -1.13
CA ARG D 214 -25.13 13.82 0.26
C ARG D 214 -23.92 13.61 1.16
N SER D 215 -22.70 13.69 0.64
CA SER D 215 -21.50 13.40 1.39
C SER D 215 -21.14 14.56 2.31
N HIS D 216 -20.11 14.35 3.12
CA HIS D 216 -19.65 15.34 4.09
C HIS D 216 -18.20 15.74 3.92
N GLY D 217 -17.31 14.79 3.64
CA GLY D 217 -15.89 15.08 3.63
C GLY D 217 -15.36 15.71 2.38
N THR D 218 -16.15 15.76 1.31
CA THR D 218 -15.72 16.38 0.07
C THR D 218 -15.98 17.88 0.15
N GLN D 219 -14.97 18.67 -0.18
CA GLN D 219 -15.11 20.11 -0.13
C GLN D 219 -16.11 20.56 -1.20
N LYS D 220 -16.54 21.82 -1.06
CA LYS D 220 -17.50 22.39 -2.01
C LYS D 220 -16.97 22.32 -3.44
N SER D 221 -15.66 22.48 -3.61
CA SER D 221 -15.10 22.58 -4.95
C SER D 221 -15.22 21.28 -5.73
N ARG D 222 -14.90 20.15 -5.08
CA ARG D 222 -14.75 18.91 -5.84
C ARG D 222 -16.10 18.34 -6.28
N LYS D 223 -17.17 18.62 -5.55
CA LYS D 223 -18.48 18.16 -6.02
C LYS D 223 -18.89 18.86 -7.31
N ASP D 224 -18.56 20.14 -7.43
CA ASP D 224 -18.78 20.83 -8.70
C ASP D 224 -17.89 20.29 -9.82
N GLN D 225 -16.75 19.69 -9.47
CA GLN D 225 -15.86 19.13 -10.47
C GLN D 225 -16.41 17.81 -11.02
N ILE D 226 -16.68 16.86 -10.12
CA ILE D 226 -17.25 15.56 -10.49
C ILE D 226 -18.49 15.77 -11.34
N GLN D 227 -19.29 16.79 -11.00
CA GLN D 227 -20.47 17.10 -11.79
C GLN D 227 -20.10 17.49 -13.21
N ARG D 228 -19.08 18.34 -13.36
CA ARG D 228 -18.65 18.73 -14.70
C ARG D 228 -18.19 17.52 -15.49
N LEU D 229 -17.42 16.63 -14.88
CA LEU D 229 -16.96 15.44 -15.59
C LEU D 229 -18.12 14.55 -16.03
N VAL D 230 -19.10 14.33 -15.14
CA VAL D 230 -20.19 13.42 -15.45
C VAL D 230 -21.06 13.98 -16.56
N LEU D 231 -21.46 15.25 -16.44
CA LEU D 231 -22.24 15.86 -17.51
C LEU D 231 -21.47 15.90 -18.82
N SER D 232 -20.16 16.15 -18.77
CA SER D 232 -19.38 16.14 -20.00
C SER D 232 -19.41 14.78 -20.67
N THR D 233 -19.23 13.71 -19.88
CA THR D 233 -19.24 12.36 -20.44
C THR D 233 -20.58 12.06 -21.12
N VAL D 234 -21.69 12.29 -20.40
CA VAL D 234 -22.99 11.97 -20.96
C VAL D 234 -23.28 12.81 -22.21
N VAL D 235 -22.96 14.11 -22.15
CA VAL D 235 -23.27 14.99 -23.27
C VAL D 235 -22.46 14.62 -24.51
N ILE D 236 -21.17 14.31 -24.33
CA ILE D 236 -20.36 13.97 -25.50
C ILE D 236 -20.82 12.65 -26.10
N PHE D 237 -21.22 11.69 -25.25
CA PHE D 237 -21.78 10.45 -25.78
C PHE D 237 -23.03 10.71 -26.60
N LEU D 238 -23.92 11.55 -26.09
CA LEU D 238 -25.15 11.86 -26.82
C LEU D 238 -24.83 12.53 -28.16
N ALA D 239 -23.94 13.53 -28.13
CA ALA D 239 -23.62 14.25 -29.36
C ALA D 239 -22.93 13.35 -30.36
N CYS D 240 -22.22 12.32 -29.90
CA CYS D 240 -21.60 11.38 -30.81
C CYS D 240 -22.63 10.44 -31.45
N PHE D 241 -23.59 9.94 -30.67
CA PHE D 241 -24.39 8.82 -31.14
C PHE D 241 -25.82 9.14 -31.53
N LEU D 242 -26.50 10.06 -30.84
CA LEU D 242 -27.94 10.20 -31.00
C LEU D 242 -28.38 10.55 -32.43
N PRO D 243 -27.78 11.52 -33.12
CA PRO D 243 -28.27 11.85 -34.46
C PRO D 243 -28.20 10.69 -35.44
N TYR D 244 -27.18 9.84 -35.32
CA TYR D 244 -27.08 8.68 -36.19
C TYR D 244 -28.29 7.77 -36.03
N HIS D 245 -28.66 7.48 -34.79
CA HIS D 245 -29.77 6.58 -34.55
C HIS D 245 -31.09 7.22 -34.94
N VAL D 246 -31.24 8.52 -34.71
CA VAL D 246 -32.47 9.20 -35.11
C VAL D 246 -32.64 9.14 -36.61
N LEU D 247 -31.57 9.43 -37.36
CA LEU D 247 -31.66 9.37 -38.82
C LEU D 247 -31.84 7.94 -39.30
N LEU D 248 -31.28 6.98 -38.57
CA LEU D 248 -31.47 5.57 -38.89
C LEU D 248 -32.95 5.19 -38.83
N LEU D 249 -33.62 5.56 -37.74
CA LEU D 249 -35.06 5.34 -37.68
C LEU D 249 -35.77 6.09 -38.79
N VAL D 250 -35.39 7.35 -39.03
CA VAL D 250 -36.07 8.16 -40.03
C VAL D 250 -36.03 7.47 -41.38
N ARG D 251 -34.88 6.87 -41.72
CA ARG D 251 -34.78 6.16 -42.99
C ARG D 251 -35.55 4.84 -42.96
N SER D 252 -35.51 4.13 -41.83
CA SER D 252 -36.06 2.78 -41.81
C SER D 252 -37.58 2.76 -41.75
N VAL D 253 -38.22 3.70 -41.07
CA VAL D 253 -39.66 3.58 -40.81
C VAL D 253 -40.49 4.02 -42.01
N TRP D 254 -40.38 5.28 -42.41
CA TRP D 254 -41.22 5.80 -43.48
C TRP D 254 -40.39 6.62 -44.46
N GLU D 255 -39.19 6.15 -44.77
CA GLU D 255 -38.36 6.83 -45.76
C GLU D 255 -37.70 5.80 -46.67
N ALA D 256 -38.47 5.14 -47.51
CA ALA D 256 -37.93 4.07 -48.35
C ALA D 256 -37.96 4.37 -49.85
N SER D 257 -39.04 4.98 -50.33
CA SER D 257 -39.17 5.22 -51.77
C SER D 257 -37.90 5.87 -52.30
N CYS D 258 -37.47 5.46 -53.49
CA CYS D 258 -36.20 5.98 -54.02
C CYS D 258 -36.10 7.50 -54.04
N ASP D 259 -37.20 8.23 -54.16
CA ASP D 259 -37.03 9.67 -54.24
C ASP D 259 -36.61 10.23 -52.91
N PHE D 260 -37.23 9.65 -51.88
CA PHE D 260 -36.93 9.95 -50.48
C PHE D 260 -35.54 9.56 -50.20
N ALA D 261 -35.12 8.43 -50.75
CA ALA D 261 -33.81 7.97 -50.52
C ALA D 261 -32.82 8.95 -51.02
N LYS D 262 -33.04 9.46 -52.22
CA LYS D 262 -32.12 10.44 -52.73
C LYS D 262 -32.07 11.66 -51.85
N GLY D 263 -33.18 12.02 -51.21
CA GLY D 263 -33.17 13.14 -50.28
C GLY D 263 -32.27 13.16 -49.04
N VAL D 264 -32.30 12.12 -48.22
CA VAL D 264 -31.54 12.14 -46.96
C VAL D 264 -30.20 11.39 -46.96
N PHE D 265 -29.56 11.27 -48.11
CA PHE D 265 -28.25 10.62 -48.18
C PHE D 265 -27.24 11.43 -47.39
N ASN D 266 -27.34 12.75 -47.46
CA ASN D 266 -26.43 13.59 -46.80
C ASN D 266 -26.58 13.31 -45.27
N ALA D 267 -27.84 13.42 -44.82
CA ALA D 267 -28.08 13.34 -43.39
C ALA D 267 -27.50 12.04 -42.77
N TYR D 268 -27.81 10.91 -43.41
CA TYR D 268 -27.36 9.63 -42.87
C TYR D 268 -25.84 9.51 -42.90
N HIS D 269 -25.19 9.94 -43.98
CA HIS D 269 -23.74 9.83 -43.99
C HIS D 269 -23.04 10.87 -43.14
N PHE D 270 -23.63 12.05 -42.94
CA PHE D 270 -23.06 12.99 -42.00
C PHE D 270 -23.13 12.44 -40.58
N SER D 271 -24.27 11.82 -40.23
CA SER D 271 -24.38 11.22 -38.91
C SER D 271 -23.38 10.08 -38.72
N LEU D 272 -23.21 9.25 -39.76
CA LEU D 272 -22.24 8.16 -39.67
C LEU D 272 -20.82 8.70 -39.56
N LEU D 273 -20.52 9.77 -40.27
CA LEU D 273 -19.18 10.36 -40.17
C LEU D 273 -18.94 10.93 -38.78
N LEU D 274 -19.97 11.55 -38.19
CA LEU D 274 -19.81 12.12 -36.86
C LEU D 274 -19.64 11.04 -35.80
N THR D 275 -20.28 9.87 -35.98
CA THR D 275 -20.15 8.88 -34.89
C THR D 275 -18.76 8.29 -34.76
N SER D 276 -17.74 8.75 -35.49
CA SER D 276 -16.40 8.19 -35.41
C SER D 276 -15.51 8.88 -34.40
N PHE D 277 -16.03 9.88 -33.69
CA PHE D 277 -15.22 10.61 -32.72
C PHE D 277 -15.14 9.91 -31.37
N ASN D 278 -15.81 8.77 -31.21
CA ASN D 278 -15.73 8.04 -29.95
C ASN D 278 -14.30 7.58 -29.69
N CYS D 279 -13.57 7.19 -30.74
CA CYS D 279 -12.20 6.73 -30.58
C CYS D 279 -11.27 7.83 -30.07
N VAL D 280 -11.63 9.09 -30.27
CA VAL D 280 -10.84 10.19 -29.71
C VAL D 280 -11.37 10.61 -28.35
N ALA D 281 -12.68 10.53 -28.15
CA ALA D 281 -13.28 10.99 -26.90
C ALA D 281 -12.97 10.05 -25.74
N ASP D 282 -13.03 8.73 -25.98
CA ASP D 282 -12.93 7.78 -24.88
C ASP D 282 -11.60 7.84 -24.13
N PRO D 283 -10.43 7.79 -24.78
CA PRO D 283 -9.18 7.88 -24.01
C PRO D 283 -9.03 9.18 -23.25
N VAL D 284 -9.56 10.29 -23.78
CA VAL D 284 -9.44 11.56 -23.08
C VAL D 284 -10.27 11.55 -21.80
N LEU D 285 -11.52 11.11 -21.89
CA LEU D 285 -12.42 11.19 -20.74
C LEU D 285 -12.23 10.06 -19.76
N TYR D 286 -11.57 8.97 -20.14
CA TYR D 286 -11.43 7.83 -19.25
C TYR D 286 -10.00 7.49 -18.88
N CYS D 287 -9.01 8.14 -19.48
CA CYS D 287 -7.62 7.82 -19.18
C CYS D 287 -6.71 9.01 -18.99
N PHE D 288 -7.15 10.23 -19.27
CA PHE D 288 -6.29 11.42 -19.19
C PHE D 288 -6.71 12.40 -18.11
N VAL D 289 -8.00 12.66 -17.96
CA VAL D 289 -8.48 13.61 -16.94
C VAL D 289 -8.64 12.78 -15.65
N SER D 290 -7.51 12.60 -14.97
CA SER D 290 -7.45 11.84 -13.74
C SER D 290 -6.12 12.13 -13.07
N GLU D 291 -6.15 12.32 -11.75
CA GLU D 291 -4.92 12.60 -11.04
C GLU D 291 -3.93 11.44 -11.14
N THR D 292 -4.44 10.22 -11.24
CA THR D 292 -3.56 9.06 -11.42
C THR D 292 -2.81 9.13 -12.73
N THR D 293 -3.46 9.58 -13.80
CA THR D 293 -2.78 9.71 -15.08
C THR D 293 -1.77 10.83 -15.07
N HIS D 294 -2.04 11.91 -14.34
CA HIS D 294 -1.09 13.00 -14.20
C HIS D 294 0.04 12.68 -13.25
N ARG D 295 -0.09 11.63 -12.44
CA ARG D 295 0.96 11.23 -11.52
C ARG D 295 1.96 10.25 -12.12
N ASP D 296 1.80 9.91 -13.40
CA ASP D 296 2.68 8.97 -14.09
C ASP D 296 3.06 9.52 -15.45
N LEU D 297 3.45 10.78 -15.48
CA LEU D 297 3.85 11.44 -16.71
C LEU D 297 4.72 12.67 -16.43
#